data_2X4T
#
_entry.id   2X4T
#
_cell.length_a   62.391
_cell.length_b   85.516
_cell.length_c   80.394
_cell.angle_alpha   90.00
_cell.angle_beta   90.33
_cell.angle_gamma   90.00
#
_symmetry.space_group_name_H-M   'P 1 21 1'
#
loop_
_entity.id
_entity.type
_entity.pdbx_description
1 polymer 'HLA CLASS I HISTOCOMPATIBILITY ANTIGEN, A-2.1'
2 polymer BETA-2-MICROGLOBULIN
3 polymer '65 KDA PHOSPHOPROTEIN'
4 non-polymer GLYCEROL
5 non-polymer '2-(N-MORPHOLINO)-ETHANESULFONIC ACID'
6 water water
#
loop_
_entity_poly.entity_id
_entity_poly.type
_entity_poly.pdbx_seq_one_letter_code
_entity_poly.pdbx_strand_id
1 'polypeptide(L)'
;GSHSMRYFFTSVSRPGRGEPRFIAVGYVDDTQFVRFDSDAASQRMEPRAPWIEQEGPEYWDGETRKVKAHSQTHRVDLGT
LRGYYNQSEAGSHTVQRMYGCDVGSDWRFLRGYHQYAYDGKDYIALKEDLRSWTAADMAAQTTKHKWEAAHVAEQLRAYL
EGTCVEWLRRYLENGKETLQRTDAPKTHMTHHAVSDHEATLRCWALSFYPAEITLTWQRDGEDQTQDTELVETRPAGDGT
FQKWAAVVVPSGQEQRYTCHVQHEGLPKPLTLRWE
;
A,D
2 'polypeptide(L)'
;(MSE)IQRTPKIQVYSRHPAENGKSNFLNCYVSGFHPSDIEVDLLKNGERIEKVEHSDLSFSKDWSFYLLYYTEFTPTEK
DEYACRVNHVTLSQPKIVKWDRD(MSE)
;
B,E
3 'polypeptide(L)' NLV(PRW)MVATV C,F
#
# COMPACT_ATOMS: atom_id res chain seq x y z
N GLY A 1 3.69 -3.92 -5.05
CA GLY A 1 4.54 -3.89 -3.86
C GLY A 1 4.10 -2.84 -2.85
N SER A 2 4.65 -2.92 -1.64
CA SER A 2 4.29 -1.98 -0.57
C SER A 2 5.33 -0.86 -0.42
N HIS A 3 4.93 0.24 0.22
CA HIS A 3 5.79 1.43 0.28
C HIS A 3 5.85 2.03 1.68
N SER A 4 6.66 3.06 1.83
CA SER A 4 6.75 3.80 3.08
C SER A 4 7.26 5.21 2.90
N MET A 5 6.91 6.08 3.85
CA MET A 5 7.48 7.42 3.94
C MET A 5 8.11 7.57 5.33
N ARG A 6 9.36 8.00 5.39
CA ARG A 6 10.05 8.14 6.67
C ARG A 6 10.83 9.43 6.73
N TYR A 7 10.96 9.99 7.93
CA TYR A 7 11.76 11.18 8.18
C TYR A 7 12.87 10.89 9.17
N PHE A 8 14.08 11.35 8.85
CA PHE A 8 15.25 11.14 9.70
C PHE A 8 15.85 12.48 10.13
N PHE A 9 15.99 12.67 11.44
CA PHE A 9 16.50 13.93 11.98
C PHE A 9 17.73 13.67 12.84
N THR A 10 18.80 14.41 12.59
CA THR A 10 20.01 14.27 13.39
C THR A 10 20.37 15.58 14.03
N SER A 11 20.48 15.56 15.36
CA SER A 11 20.73 16.77 16.11
C SER A 11 21.98 16.59 16.96
N VAL A 12 22.97 17.45 16.77
CA VAL A 12 24.22 17.31 17.51
C VAL A 12 24.62 18.63 18.17
N SER A 13 24.86 18.58 19.49
CA SER A 13 25.23 19.77 20.25
C SER A 13 26.70 20.17 20.03
N ARG A 14 26.92 21.45 19.74
CA ARG A 14 28.26 21.93 19.46
C ARG A 14 28.70 22.93 20.54
N PRO A 15 29.34 22.42 21.61
CA PRO A 15 29.55 23.13 22.88
C PRO A 15 30.45 24.34 22.73
N GLY A 16 29.89 25.52 22.93
CA GLY A 16 30.64 26.75 22.82
C GLY A 16 31.01 27.07 21.38
N ARG A 17 30.47 26.29 20.45
CA ARG A 17 30.69 26.54 19.03
C ARG A 17 29.39 26.90 18.32
N GLY A 18 28.51 27.60 19.03
CA GLY A 18 27.30 28.16 18.46
C GLY A 18 26.02 27.36 18.66
N GLU A 19 25.25 27.25 17.59
CA GLU A 19 23.93 26.64 17.59
C GLU A 19 23.97 25.16 17.18
N PRO A 20 22.94 24.40 17.57
CA PRO A 20 22.87 22.98 17.25
C PRO A 20 22.66 22.72 15.77
N ARG A 21 23.43 21.78 15.21
CA ARG A 21 23.30 21.44 13.79
C ARG A 21 22.13 20.49 13.58
N PHE A 22 21.17 20.93 12.78
CA PHE A 22 19.97 20.13 12.50
C PHE A 22 19.97 19.60 11.07
N ILE A 23 19.79 18.29 10.93
CA ILE A 23 19.72 17.66 9.62
C ILE A 23 18.45 16.84 9.48
N ALA A 24 17.67 17.16 8.44
CA ALA A 24 16.40 16.48 8.22
C ALA A 24 16.34 16.00 6.78
N VAL A 25 16.18 14.69 6.59
CA VAL A 25 16.03 14.15 5.25
C VAL A 25 14.75 13.36 5.18
N GLY A 26 14.10 13.41 4.04
CA GLY A 26 12.81 12.77 3.91
C GLY A 26 12.92 11.75 2.83
N TYR A 27 12.44 10.54 3.11
CA TYR A 27 12.53 9.45 2.16
C TYR A 27 11.16 8.93 1.84
N VAL A 28 10.91 8.70 0.55
CA VAL A 28 9.87 7.79 0.12
C VAL A 28 10.61 6.53 -0.32
N ASP A 29 10.24 5.37 0.23
CA ASP A 29 10.98 4.13 -0.02
C ASP A 29 12.48 4.32 0.20
N ASP A 30 13.28 4.02 -0.83
CA ASP A 30 14.74 4.18 -0.74
C ASP A 30 15.22 5.46 -1.45
N THR A 31 14.25 6.27 -1.90
CA THR A 31 14.52 7.51 -2.62
C THR A 31 14.31 8.75 -1.75
N GLN A 32 15.34 9.58 -1.60
CA GLN A 32 15.22 10.82 -0.83
C GLN A 32 14.52 11.89 -1.65
N PHE A 33 13.68 12.69 -1.00
CA PHE A 33 12.96 13.76 -1.69
C PHE A 33 13.14 15.18 -1.12
N VAL A 34 13.44 15.28 0.17
CA VAL A 34 13.65 16.59 0.77
C VAL A 34 14.74 16.57 1.80
N ARG A 35 15.49 17.66 1.90
CA ARG A 35 16.48 17.83 2.95
C ARG A 35 16.27 19.18 3.61
N PHE A 36 16.64 19.26 4.89
CA PHE A 36 16.82 20.53 5.53
C PHE A 36 18.11 20.47 6.31
N ASP A 37 18.96 21.47 6.13
CA ASP A 37 20.19 21.52 6.89
C ASP A 37 20.27 22.86 7.61
N SER A 38 20.52 22.81 8.92
CA SER A 38 20.67 24.03 9.68
C SER A 38 21.84 24.85 9.12
N ASP A 39 22.79 24.16 8.50
CA ASP A 39 23.98 24.81 7.96
C ASP A 39 23.91 25.19 6.48
N ALA A 40 22.85 24.78 5.78
CA ALA A 40 22.64 25.22 4.40
C ALA A 40 22.22 26.68 4.36
N ALA A 41 22.50 27.33 3.24
CA ALA A 41 22.25 28.77 3.07
C ALA A 41 20.76 29.15 3.09
N SER A 42 19.92 28.34 2.45
CA SER A 42 18.53 28.74 2.17
C SER A 42 17.63 28.84 3.39
N GLN A 43 17.99 28.11 4.46
CA GLN A 43 17.16 28.05 5.67
C GLN A 43 15.75 27.63 5.32
N ARG A 44 15.64 26.55 4.54
CA ARG A 44 14.36 26.05 4.06
C ARG A 44 14.40 24.54 3.82
N MET A 45 13.22 23.93 3.81
CA MET A 45 13.11 22.58 3.30
C MET A 45 13.36 22.62 1.79
N GLU A 46 14.44 22.00 1.33
CA GLU A 46 14.77 21.96 -0.09
C GLU A 46 14.22 20.71 -0.75
N PRO A 47 14.13 20.73 -2.08
CA PRO A 47 13.77 19.55 -2.89
C PRO A 47 15.00 18.73 -3.23
N ARG A 48 14.80 17.44 -3.49
CA ARG A 48 15.90 16.55 -3.83
C ARG A 48 15.49 15.58 -4.94
N ALA A 49 14.24 15.69 -5.38
CA ALA A 49 13.73 14.83 -6.44
C ALA A 49 13.05 15.65 -7.54
N PRO A 50 12.67 14.96 -8.62
CA PRO A 50 12.01 15.64 -9.75
C PRO A 50 10.50 15.49 -9.68
N TRP A 51 10.00 14.80 -8.66
CA TRP A 51 8.56 14.60 -8.50
C TRP A 51 8.01 15.44 -7.35
N ILE A 52 8.85 16.33 -6.82
CA ILE A 52 8.44 17.20 -5.73
C ILE A 52 8.80 18.65 -6.02
N GLU A 53 9.49 18.88 -7.13
CA GLU A 53 9.89 20.23 -7.54
C GLU A 53 8.74 21.18 -7.83
N GLN A 54 7.74 20.72 -8.57
CA GLN A 54 6.65 21.59 -8.97
C GLN A 54 5.44 21.41 -8.06
N GLU A 55 5.73 21.33 -6.77
CA GLU A 55 4.70 21.23 -5.75
C GLU A 55 4.10 22.61 -5.52
N GLY A 56 4.91 23.64 -5.74
CA GLY A 56 4.46 24.99 -5.50
C GLY A 56 4.88 25.52 -4.15
N PRO A 57 4.85 26.85 -3.99
CA PRO A 57 5.45 27.57 -2.87
C PRO A 57 4.67 27.34 -1.57
N GLU A 58 3.36 27.13 -1.69
N GLU A 58 3.36 27.15 -1.67
CA GLU A 58 2.53 26.90 -0.51
CA GLU A 58 2.56 26.92 -0.48
C GLU A 58 3.01 25.64 0.20
C GLU A 58 3.03 25.64 0.21
N TYR A 59 3.30 24.61 -0.59
CA TYR A 59 3.82 23.36 -0.06
C TYR A 59 5.14 23.63 0.65
N TRP A 60 6.11 24.17 -0.08
CA TRP A 60 7.44 24.47 0.46
C TRP A 60 7.43 25.35 1.70
N ASP A 61 6.51 26.29 1.75
CA ASP A 61 6.41 27.19 2.90
C ASP A 61 5.85 26.42 4.07
N GLY A 62 4.84 25.61 3.78
CA GLY A 62 4.19 24.79 4.78
C GLY A 62 5.14 23.81 5.40
N GLU A 63 6.12 23.35 4.62
CA GLU A 63 7.05 22.34 5.11
C GLU A 63 8.27 22.92 5.80
N THR A 64 8.77 24.06 5.29
CA THR A 64 9.88 24.76 5.91
C THR A 64 9.45 25.25 7.28
N ARG A 65 8.19 25.64 7.36
CA ARG A 65 7.59 26.07 8.61
C ARG A 65 7.72 24.93 9.63
N LYS A 66 7.14 23.78 9.31
CA LYS A 66 7.13 22.63 10.21
C LYS A 66 8.52 22.11 10.58
N VAL A 67 9.44 22.06 9.61
CA VAL A 67 10.78 21.53 9.89
C VAL A 67 11.56 22.49 10.76
N LYS A 68 11.11 23.75 10.81
CA LYS A 68 11.69 24.74 11.70
C LYS A 68 11.15 24.56 13.11
N ALA A 69 9.89 24.15 13.23
CA ALA A 69 9.36 23.76 14.52
C ALA A 69 10.17 22.57 15.03
N HIS A 70 10.25 21.53 14.21
CA HIS A 70 11.04 20.34 14.51
C HIS A 70 12.41 20.70 15.09
N SER A 71 13.16 21.50 14.33
CA SER A 71 14.50 21.93 14.70
C SER A 71 14.55 22.57 16.08
N GLN A 72 13.64 23.50 16.33
CA GLN A 72 13.58 24.16 17.62
C GLN A 72 13.23 23.21 18.75
N THR A 73 12.36 22.24 18.47
CA THR A 73 12.01 21.26 19.48
C THR A 73 13.23 20.44 19.87
N HIS A 74 14.06 20.14 18.87
CA HIS A 74 15.25 19.34 19.11
C HIS A 74 16.27 20.14 19.86
N ARG A 75 16.35 21.43 19.51
CA ARG A 75 17.22 22.38 20.17
C ARG A 75 16.99 22.32 21.69
N VAL A 76 15.73 22.39 22.08
CA VAL A 76 15.35 22.31 23.48
C VAL A 76 15.71 20.94 24.04
N ASP A 77 15.32 19.90 23.31
CA ASP A 77 15.59 18.53 23.73
C ASP A 77 17.04 18.39 24.21
N LEU A 78 17.99 18.78 23.36
CA LEU A 78 19.40 18.70 23.70
C LEU A 78 19.65 19.22 25.11
N GLY A 79 18.97 20.30 25.48
CA GLY A 79 19.11 20.89 26.80
C GLY A 79 18.36 20.10 27.85
N THR A 80 17.17 19.63 27.50
CA THR A 80 16.35 18.85 28.42
C THR A 80 16.99 17.50 28.72
N LEU A 81 17.37 16.79 27.65
CA LEU A 81 18.01 15.48 27.80
C LEU A 81 19.26 15.58 28.65
N ARG A 82 19.98 16.68 28.52
CA ARG A 82 21.20 16.90 29.29
C ARG A 82 20.94 16.87 30.78
N GLY A 83 19.85 17.53 31.20
CA GLY A 83 19.48 17.57 32.60
C GLY A 83 19.09 16.22 33.15
N TYR A 84 18.74 15.29 32.25
CA TYR A 84 18.34 13.95 32.64
C TYR A 84 19.54 13.10 33.04
N TYR A 85 20.59 13.15 32.23
CA TYR A 85 21.80 12.40 32.49
C TYR A 85 22.83 13.24 33.22
N ASN A 86 22.47 14.48 33.53
CA ASN A 86 23.36 15.41 34.22
C ASN A 86 24.78 15.38 33.66
N GLN A 87 24.93 15.87 32.45
CA GLN A 87 26.24 15.90 31.79
C GLN A 87 26.69 17.35 31.77
N SER A 88 27.99 17.57 31.53
CA SER A 88 28.49 18.95 31.38
C SER A 88 27.90 19.57 30.10
N GLU A 89 27.87 20.90 30.03
CA GLU A 89 27.46 21.56 28.79
C GLU A 89 28.69 21.82 27.92
N ALA A 90 29.73 21.01 28.13
CA ALA A 90 30.99 21.14 27.43
C ALA A 90 31.20 20.03 26.39
N GLY A 91 30.52 18.91 26.58
CA GLY A 91 30.66 17.77 25.69
C GLY A 91 29.66 17.76 24.55
N SER A 92 30.02 17.07 23.47
CA SER A 92 29.16 16.97 22.30
C SER A 92 28.25 15.74 22.38
N HIS A 93 26.99 15.90 21.96
CA HIS A 93 25.95 14.89 22.15
C HIS A 93 24.97 14.82 20.98
N THR A 94 24.46 13.62 20.70
CA THR A 94 23.62 13.38 19.54
C THR A 94 22.21 12.96 19.90
N VAL A 95 21.25 13.44 19.12
CA VAL A 95 19.88 12.99 19.20
C VAL A 95 19.54 12.53 17.79
N GLN A 96 18.69 11.52 17.67
CA GLN A 96 18.27 11.08 16.37
C GLN A 96 16.80 10.72 16.43
N ARG A 97 16.09 10.97 15.35
CA ARG A 97 14.65 10.78 15.31
C ARG A 97 14.24 10.20 13.96
N MET A 98 13.44 9.16 13.99
CA MET A 98 12.93 8.60 12.75
C MET A 98 11.47 8.34 12.97
N TYR A 99 10.61 8.85 12.09
CA TYR A 99 9.20 8.49 12.11
C TYR A 99 8.72 8.24 10.69
N GLY A 100 7.59 7.56 10.53
CA GLY A 100 7.08 7.26 9.21
C GLY A 100 5.99 6.22 9.21
N CYS A 101 5.52 5.87 8.02
CA CYS A 101 4.40 4.95 7.87
C CYS A 101 4.64 4.02 6.70
N ASP A 102 4.08 2.82 6.77
CA ASP A 102 4.12 1.87 5.66
C ASP A 102 2.71 1.69 5.10
N VAL A 103 2.61 1.41 3.80
CA VAL A 103 1.35 0.99 3.22
C VAL A 103 1.54 -0.35 2.52
N GLY A 104 0.50 -1.17 2.49
CA GLY A 104 0.59 -2.49 1.89
C GLY A 104 0.64 -2.38 0.38
N SER A 105 0.48 -3.51 -0.30
CA SER A 105 0.45 -3.52 -1.75
C SER A 105 -0.70 -2.66 -2.24
N ASP A 106 -1.74 -2.59 -1.41
CA ASP A 106 -2.97 -1.88 -1.75
C ASP A 106 -2.84 -0.35 -1.63
N TRP A 107 -1.79 0.10 -0.95
CA TRP A 107 -1.60 1.52 -0.63
C TRP A 107 -2.41 1.91 0.60
N ARG A 108 -3.02 0.93 1.25
CA ARG A 108 -3.79 1.21 2.45
C ARG A 108 -2.95 0.90 3.68
N PHE A 109 -2.99 1.83 4.63
CA PHE A 109 -2.14 1.82 5.84
C PHE A 109 -1.79 0.44 6.38
N LEU A 110 -0.53 0.33 6.82
CA LEU A 110 0.07 -0.92 7.27
C LEU A 110 0.56 -0.76 8.71
N ARG A 111 1.62 0.03 8.90
CA ARG A 111 2.10 0.40 10.22
C ARG A 111 2.75 1.77 10.20
N GLY A 112 2.97 2.31 11.38
CA GLY A 112 3.68 3.57 11.53
C GLY A 112 4.64 3.43 12.69
N TYR A 113 5.57 4.38 12.83
CA TYR A 113 6.64 4.24 13.81
C TYR A 113 7.22 5.58 14.20
N HIS A 114 7.76 5.63 15.42
CA HIS A 114 8.44 6.82 15.89
C HIS A 114 9.53 6.49 16.91
N GLN A 115 10.77 6.57 16.46
CA GLN A 115 11.91 6.21 17.28
C GLN A 115 12.69 7.44 17.61
N TYR A 116 13.18 7.50 18.85
CA TYR A 116 13.99 8.60 19.33
C TYR A 116 15.15 7.96 20.05
N ALA A 117 16.35 8.51 19.87
CA ALA A 117 17.56 7.93 20.44
C ALA A 117 18.41 9.02 21.02
N TYR A 118 19.20 8.68 22.03
CA TYR A 118 20.13 9.63 22.61
C TYR A 118 21.50 9.01 22.64
N ASP A 119 22.45 9.68 22.02
CA ASP A 119 23.84 9.25 22.00
C ASP A 119 24.05 7.84 21.44
N GLY A 120 23.36 7.55 20.33
CA GLY A 120 23.51 6.31 19.59
C GLY A 120 22.66 5.16 20.08
N LYS A 121 22.03 5.34 21.24
CA LYS A 121 21.30 4.27 21.92
C LYS A 121 19.83 4.63 22.13
N ASP A 122 18.94 3.63 22.07
CA ASP A 122 17.50 3.87 22.15
C ASP A 122 17.10 4.68 23.37
N TYR A 123 16.07 5.51 23.21
CA TYR A 123 15.59 6.34 24.30
C TYR A 123 14.10 6.10 24.52
N ILE A 124 13.26 6.47 23.55
CA ILE A 124 11.82 6.19 23.61
C ILE A 124 11.21 5.91 22.25
N ALA A 125 10.32 4.93 22.21
CA ALA A 125 9.73 4.53 20.96
C ALA A 125 8.25 4.31 21.14
N LEU A 126 7.47 4.80 20.18
CA LEU A 126 6.07 4.45 20.08
C LEU A 126 5.96 2.96 19.75
N LYS A 127 5.11 2.25 20.49
CA LYS A 127 4.87 0.84 20.20
C LYS A 127 3.97 0.69 18.98
N GLU A 128 3.96 -0.51 18.39
CA GLU A 128 3.30 -0.68 17.10
C GLU A 128 1.83 -0.32 17.16
N ASP A 129 1.24 -0.41 18.35
CA ASP A 129 -0.18 -0.08 18.54
C ASP A 129 -0.50 1.43 18.45
N LEU A 130 0.55 2.24 18.32
CA LEU A 130 0.43 3.69 18.16
C LEU A 130 -0.29 4.43 19.30
N ARG A 131 -0.28 3.84 20.50
CA ARG A 131 -0.84 4.51 21.68
C ARG A 131 -0.17 4.11 23.01
N SER A 132 1.04 3.54 22.92
CA SER A 132 1.83 3.23 24.11
C SER A 132 3.32 3.46 23.82
N TRP A 133 4.09 3.82 24.86
CA TRP A 133 5.51 4.11 24.68
C TRP A 133 6.43 3.06 25.30
N THR A 134 7.59 2.87 24.69
CA THR A 134 8.61 1.99 25.25
C THR A 134 9.81 2.83 25.68
N ALA A 135 10.07 2.85 26.98
CA ALA A 135 11.14 3.70 27.54
C ALA A 135 12.39 2.94 27.97
N ALA A 136 13.49 3.18 27.26
CA ALA A 136 14.77 2.49 27.47
C ALA A 136 15.33 2.53 28.90
N ASP A 137 15.32 3.69 29.55
CA ASP A 137 15.84 3.79 30.93
C ASP A 137 14.99 4.66 31.85
N MET A 138 15.63 5.24 32.86
CA MET A 138 14.89 6.01 33.87
C MET A 138 14.55 7.41 33.36
N ALA A 139 15.48 8.00 32.62
CA ALA A 139 15.21 9.28 32.00
C ALA A 139 14.05 9.17 31.00
N ALA A 140 14.09 8.14 30.16
CA ALA A 140 13.08 7.98 29.11
C ALA A 140 11.71 7.67 29.69
N GLN A 141 11.70 7.31 30.97
CA GLN A 141 10.46 7.08 31.71
C GLN A 141 9.74 8.40 31.86
N THR A 142 10.49 9.39 32.29
CA THR A 142 10.00 10.74 32.55
C THR A 142 9.32 11.39 31.33
N THR A 143 9.96 11.26 30.17
CA THR A 143 9.40 11.72 28.91
C THR A 143 8.11 10.97 28.61
N LYS A 144 8.18 9.64 28.77
CA LYS A 144 7.03 8.76 28.63
C LYS A 144 5.86 9.34 29.44
N HIS A 145 6.08 9.51 30.74
CA HIS A 145 5.06 10.06 31.63
C HIS A 145 4.54 11.39 31.08
N LYS A 146 5.48 12.15 30.53
CA LYS A 146 5.22 13.46 29.96
C LYS A 146 4.29 13.42 28.76
N TRP A 147 4.61 12.54 27.81
CA TRP A 147 3.89 12.49 26.53
C TRP A 147 2.51 11.87 26.67
N GLU A 148 2.33 11.10 27.73
CA GLU A 148 1.04 10.53 28.06
C GLU A 148 0.11 11.64 28.58
N ALA A 149 0.68 12.53 29.38
CA ALA A 149 -0.06 13.67 29.89
C ALA A 149 -0.62 14.49 28.74
N ALA A 150 0.20 14.66 27.71
CA ALA A 150 -0.13 15.55 26.60
C ALA A 150 -0.77 14.82 25.40
N HIS A 151 -1.10 13.55 25.59
CA HIS A 151 -1.74 12.75 24.53
C HIS A 151 -0.96 12.82 23.22
N VAL A 152 0.37 12.80 23.32
CA VAL A 152 1.23 12.89 22.15
C VAL A 152 0.94 11.79 21.13
N ALA A 153 0.81 10.56 21.61
CA ALA A 153 0.57 9.42 20.73
C ALA A 153 -0.72 9.56 19.90
N GLU A 154 -1.70 10.30 20.40
CA GLU A 154 -3.01 10.40 19.76
C GLU A 154 -3.05 11.31 18.53
N GLN A 155 -2.19 12.32 18.54
CA GLN A 155 -2.04 13.21 17.41
C GLN A 155 -0.98 12.66 16.46
N LEU A 156 0.05 12.06 17.06
CA LEU A 156 1.09 11.41 16.29
C LEU A 156 0.50 10.29 15.46
N ARG A 157 -0.47 9.61 16.05
CA ARG A 157 -1.16 8.50 15.39
C ARG A 157 -2.09 9.02 14.30
N ALA A 158 -2.70 10.18 14.55
CA ALA A 158 -3.58 10.80 13.56
C ALA A 158 -2.78 11.21 12.32
N TYR A 159 -1.50 11.52 12.53
CA TYR A 159 -0.59 11.85 11.44
C TYR A 159 -0.19 10.60 10.67
N LEU A 160 0.24 9.59 11.42
CA LEU A 160 0.73 8.34 10.83
C LEU A 160 -0.28 7.65 9.90
N GLU A 161 -1.57 7.80 10.19
CA GLU A 161 -2.58 7.12 9.39
C GLU A 161 -3.31 8.03 8.42
N GLY A 162 -3.17 9.34 8.60
CA GLY A 162 -3.83 10.29 7.73
C GLY A 162 -2.90 10.98 6.75
N THR A 163 -2.42 12.16 7.14
CA THR A 163 -1.42 12.91 6.39
C THR A 163 -0.34 11.98 5.81
N CYS A 164 0.14 11.06 6.65
CA CYS A 164 1.26 10.22 6.29
C CYS A 164 0.95 9.33 5.10
N VAL A 165 0.06 8.36 5.28
CA VAL A 165 -0.27 7.47 4.18
C VAL A 165 -0.84 8.24 2.99
N GLU A 166 -1.53 9.34 3.29
CA GLU A 166 -2.20 10.18 2.29
C GLU A 166 -1.21 10.88 1.37
N TRP A 167 -0.17 11.48 1.93
CA TRP A 167 0.81 12.19 1.11
C TRP A 167 1.79 11.22 0.44
N LEU A 168 2.10 10.13 1.14
CA LEU A 168 2.83 8.99 0.59
C LEU A 168 2.24 8.62 -0.77
N ARG A 169 0.92 8.56 -0.83
CA ARG A 169 0.22 8.24 -2.07
C ARG A 169 0.25 9.37 -3.10
N ARG A 170 0.18 10.63 -2.65
CA ARG A 170 0.34 11.74 -3.59
C ARG A 170 1.74 11.67 -4.20
N TYR A 171 2.74 11.42 -3.36
CA TYR A 171 4.14 11.30 -3.79
C TYR A 171 4.36 10.12 -4.74
N LEU A 172 3.78 8.98 -4.38
CA LEU A 172 3.85 7.80 -5.23
C LEU A 172 3.26 8.12 -6.58
N GLU A 173 2.02 8.64 -6.55
CA GLU A 173 1.30 9.06 -7.75
C GLU A 173 2.07 10.05 -8.62
N ASN A 174 2.64 11.08 -7.99
CA ASN A 174 3.31 12.15 -8.73
C ASN A 174 4.68 11.76 -9.28
N GLY A 175 5.28 10.73 -8.71
CA GLY A 175 6.62 10.36 -9.10
C GLY A 175 6.68 9.01 -9.76
N LYS A 176 5.50 8.45 -10.06
CA LYS A 176 5.39 7.07 -10.52
C LYS A 176 6.47 6.60 -11.48
N GLU A 177 7.01 7.52 -12.26
CA GLU A 177 8.09 7.17 -13.18
C GLU A 177 9.33 6.73 -12.40
N THR A 178 9.51 7.29 -11.20
CA THR A 178 10.67 7.00 -10.36
C THR A 178 10.36 6.07 -9.18
N LEU A 179 9.26 6.33 -8.49
CA LEU A 179 8.95 5.60 -7.26
C LEU A 179 8.33 4.22 -7.51
N GLN A 180 7.66 4.06 -8.64
CA GLN A 180 6.93 2.83 -8.92
C GLN A 180 7.66 1.91 -9.90
N ARG A 181 8.90 2.27 -10.22
CA ARG A 181 9.78 1.40 -10.97
C ARG A 181 10.36 0.35 -10.02
N THR A 182 10.76 -0.78 -10.60
CA THR A 182 11.71 -1.66 -9.93
C THR A 182 12.76 -2.09 -10.95
N ASP A 183 14.00 -1.69 -10.70
CA ASP A 183 15.14 -2.06 -11.54
C ASP A 183 15.64 -3.42 -11.09
N ALA A 184 15.56 -4.40 -11.97
CA ALA A 184 16.18 -5.68 -11.69
C ALA A 184 17.68 -5.43 -11.56
N PRO A 185 18.37 -6.28 -10.79
CA PRO A 185 19.82 -6.11 -10.66
C PRO A 185 20.54 -6.57 -11.92
N LYS A 186 21.54 -5.79 -12.32
CA LYS A 186 22.41 -6.24 -13.38
C LYS A 186 23.59 -6.96 -12.76
N THR A 187 23.73 -8.24 -13.09
CA THR A 187 24.66 -9.15 -12.42
C THR A 187 25.74 -9.73 -13.32
N HIS A 188 26.91 -9.94 -12.73
CA HIS A 188 28.01 -10.62 -13.41
C HIS A 188 28.99 -11.14 -12.39
N MET A 189 29.82 -12.08 -12.79
CA MET A 189 30.82 -12.63 -11.91
C MET A 189 32.19 -12.22 -12.35
N THR A 190 33.11 -12.17 -11.41
CA THR A 190 34.48 -11.90 -11.75
C THR A 190 35.38 -12.89 -11.04
N HIS A 191 36.53 -13.14 -11.64
CA HIS A 191 37.43 -14.21 -11.25
C HIS A 191 38.85 -13.65 -11.27
N HIS A 192 39.46 -13.51 -10.10
CA HIS A 192 40.84 -13.06 -10.02
C HIS A 192 41.63 -14.09 -9.21
N ALA A 193 42.90 -14.28 -9.54
CA ALA A 193 43.68 -15.33 -8.88
C ALA A 193 44.54 -14.81 -7.73
N VAL A 194 44.18 -15.18 -6.50
CA VAL A 194 45.04 -14.92 -5.34
C VAL A 194 46.47 -15.39 -5.66
N SER A 195 46.62 -16.71 -5.82
CA SER A 195 47.85 -17.30 -6.33
C SER A 195 47.58 -18.50 -7.26
N ASP A 196 48.48 -19.48 -7.24
CA ASP A 196 48.42 -20.59 -8.17
C ASP A 196 47.42 -21.69 -7.77
N HIS A 197 46.94 -21.63 -6.53
CA HIS A 197 46.02 -22.65 -6.02
C HIS A 197 44.62 -22.13 -5.64
N GLU A 198 44.45 -20.82 -5.60
CA GLU A 198 43.17 -20.21 -5.24
C GLU A 198 42.77 -19.01 -6.09
N ALA A 199 41.45 -18.85 -6.26
CA ALA A 199 40.88 -17.74 -7.00
C ALA A 199 39.76 -17.12 -6.19
N THR A 200 39.60 -15.82 -6.33
CA THR A 200 38.46 -15.12 -5.75
C THR A 200 37.33 -15.08 -6.78
N LEU A 201 36.16 -15.58 -6.38
CA LEU A 201 34.98 -15.45 -7.22
C LEU A 201 34.10 -14.37 -6.63
N ARG A 202 33.82 -13.32 -7.41
CA ARG A 202 32.99 -12.24 -6.93
C ARG A 202 31.72 -12.09 -7.73
N CYS A 203 30.60 -12.12 -7.01
CA CYS A 203 29.27 -12.01 -7.58
C CYS A 203 28.74 -10.58 -7.44
N TRP A 204 28.38 -9.95 -8.56
CA TRP A 204 27.92 -8.56 -8.56
C TRP A 204 26.43 -8.37 -8.81
N ALA A 205 25.83 -7.46 -8.04
CA ALA A 205 24.48 -6.97 -8.30
C ALA A 205 24.55 -5.46 -8.43
N LEU A 206 24.35 -4.97 -9.66
CA LEU A 206 24.54 -3.57 -9.97
C LEU A 206 23.27 -2.89 -10.43
N SER A 207 23.15 -1.60 -10.10
CA SER A 207 22.13 -0.72 -10.66
C SER A 207 20.69 -1.20 -10.41
N PHE A 208 20.40 -1.59 -9.17
CA PHE A 208 19.06 -2.10 -8.83
C PHE A 208 18.29 -1.13 -7.94
N TYR A 209 16.96 -1.31 -7.90
CA TYR A 209 16.07 -0.52 -7.07
C TYR A 209 14.75 -1.27 -6.86
N PRO A 210 14.33 -1.46 -5.59
CA PRO A 210 14.84 -0.92 -4.32
C PRO A 210 16.12 -1.58 -3.79
N ALA A 211 16.54 -1.18 -2.59
CA ALA A 211 17.83 -1.59 -2.04
C ALA A 211 17.85 -2.99 -1.41
N GLU A 212 16.72 -3.47 -0.92
CA GLU A 212 16.71 -4.82 -0.36
C GLU A 212 17.10 -5.79 -1.45
N ILE A 213 18.11 -6.60 -1.15
CA ILE A 213 18.56 -7.64 -2.06
C ILE A 213 19.22 -8.72 -1.23
N THR A 214 19.26 -9.94 -1.74
CA THR A 214 20.01 -11.01 -1.10
C THR A 214 20.99 -11.68 -2.07
N LEU A 215 22.27 -11.67 -1.71
CA LEU A 215 23.29 -12.36 -2.48
C LEU A 215 23.86 -13.47 -1.60
N THR A 216 23.82 -14.70 -2.09
CA THR A 216 24.41 -15.83 -1.37
C THR A 216 25.26 -16.72 -2.29
N TRP A 217 26.43 -17.13 -1.81
CA TRP A 217 27.24 -18.11 -2.54
C TRP A 217 26.95 -19.53 -2.05
N GLN A 218 27.12 -20.50 -2.94
CA GLN A 218 26.85 -21.90 -2.58
C GLN A 218 27.88 -22.86 -3.16
N ARG A 219 27.97 -24.03 -2.56
CA ARG A 219 28.90 -25.07 -3.02
C ARG A 219 28.19 -26.39 -3.05
N ASP A 220 27.92 -26.87 -4.25
CA ASP A 220 27.11 -28.08 -4.46
C ASP A 220 25.74 -27.98 -3.80
N GLY A 221 25.33 -26.74 -3.51
CA GLY A 221 24.01 -26.45 -2.95
C GLY A 221 24.08 -26.03 -1.49
N GLU A 222 25.27 -26.10 -0.92
CA GLU A 222 25.49 -25.82 0.49
C GLU A 222 25.80 -24.35 0.68
N ASP A 223 25.02 -23.68 1.53
CA ASP A 223 25.26 -22.27 1.85
C ASP A 223 26.63 -22.02 2.43
N GLN A 224 27.34 -21.06 1.86
CA GLN A 224 28.69 -20.75 2.29
C GLN A 224 28.69 -19.49 3.10
N THR A 225 27.66 -19.31 3.90
CA THR A 225 27.48 -18.07 4.65
C THR A 225 28.78 -17.55 5.29
N GLN A 226 29.45 -18.44 6.03
CA GLN A 226 30.61 -18.06 6.84
C GLN A 226 31.89 -17.79 6.05
N ASP A 227 31.90 -18.20 4.79
CA ASP A 227 33.09 -18.07 3.96
C ASP A 227 32.87 -17.06 2.85
N THR A 228 31.72 -16.40 2.93
CA THR A 228 31.41 -15.36 1.97
C THR A 228 31.78 -13.99 2.52
N GLU A 229 32.39 -13.18 1.67
CA GLU A 229 32.52 -11.77 1.96
C GLU A 229 31.36 -10.98 1.34
N LEU A 230 30.73 -10.14 2.15
CA LEU A 230 29.53 -9.45 1.75
C LEU A 230 29.70 -7.99 2.11
N VAL A 231 29.87 -7.11 1.13
CA VAL A 231 29.84 -5.69 1.44
C VAL A 231 28.40 -5.25 1.69
N GLU A 232 28.24 -4.14 2.40
CA GLU A 232 26.92 -3.61 2.65
C GLU A 232 26.38 -3.05 1.35
N THR A 233 25.07 -3.18 1.14
CA THR A 233 24.43 -2.53 0.01
C THR A 233 24.74 -1.05 0.03
N ARG A 234 25.12 -0.52 -1.12
CA ARG A 234 25.68 0.82 -1.22
C ARG A 234 24.94 1.62 -2.28
N PRO A 235 24.81 2.94 -2.06
CA PRO A 235 24.23 3.84 -3.07
C PRO A 235 25.14 3.97 -4.30
N ALA A 236 24.58 3.86 -5.49
CA ALA A 236 25.35 4.11 -6.69
C ALA A 236 25.51 5.61 -6.92
N GLY A 237 24.69 6.42 -6.26
CA GLY A 237 24.77 7.86 -6.45
C GLY A 237 23.80 8.36 -7.52
N ASP A 238 23.07 7.44 -8.14
CA ASP A 238 22.14 7.79 -9.20
C ASP A 238 20.75 7.26 -8.85
N GLY A 239 20.56 6.94 -7.57
CA GLY A 239 19.29 6.44 -7.10
C GLY A 239 19.15 4.93 -7.22
N THR A 240 20.19 4.25 -7.69
CA THR A 240 20.24 2.78 -7.64
C THR A 240 21.28 2.30 -6.63
N PHE A 241 21.27 0.99 -6.36
CA PHE A 241 22.22 0.41 -5.42
C PHE A 241 23.10 -0.69 -5.99
N GLN A 242 24.13 -1.04 -5.23
CA GLN A 242 25.12 -2.02 -5.62
C GLN A 242 25.45 -2.93 -4.47
N LYS A 243 25.77 -4.18 -4.79
CA LYS A 243 26.16 -5.13 -3.77
C LYS A 243 27.05 -6.22 -4.38
N TRP A 244 28.06 -6.66 -3.64
CA TRP A 244 28.77 -7.86 -4.04
C TRP A 244 29.01 -8.86 -2.90
N ALA A 245 29.19 -10.12 -3.29
CA ALA A 245 29.56 -11.19 -2.39
C ALA A 245 30.69 -11.94 -3.07
N ALA A 246 31.71 -12.29 -2.30
CA ALA A 246 32.83 -13.02 -2.83
C ALA A 246 33.06 -14.30 -2.01
N VAL A 247 33.62 -15.32 -2.66
CA VAL A 247 34.14 -16.50 -1.98
C VAL A 247 35.55 -16.74 -2.47
N VAL A 248 36.36 -17.38 -1.64
CA VAL A 248 37.66 -17.78 -2.13
C VAL A 248 37.66 -19.28 -2.44
N VAL A 249 38.05 -19.60 -3.67
CA VAL A 249 37.81 -20.91 -4.25
C VAL A 249 39.12 -21.62 -4.63
N PRO A 250 39.33 -22.86 -4.14
CA PRO A 250 40.48 -23.65 -4.56
C PRO A 250 40.43 -23.89 -6.07
N SER A 251 41.54 -23.61 -6.74
CA SER A 251 41.61 -23.72 -8.19
C SER A 251 41.19 -25.09 -8.68
N GLY A 252 40.27 -25.09 -9.63
CA GLY A 252 39.68 -26.30 -10.18
C GLY A 252 38.23 -26.43 -9.77
N GLN A 253 37.90 -25.86 -8.60
CA GLN A 253 36.60 -26.08 -7.98
C GLN A 253 35.58 -25.03 -8.37
N GLU A 254 36.00 -24.11 -9.24
CA GLU A 254 35.16 -22.98 -9.64
C GLU A 254 33.74 -23.41 -10.02
N GLN A 255 33.59 -24.61 -10.57
CA GLN A 255 32.28 -25.05 -11.06
C GLN A 255 31.34 -25.56 -9.95
N ARG A 256 31.85 -25.71 -8.73
CA ARG A 256 31.06 -26.20 -7.59
C ARG A 256 30.23 -25.08 -6.97
N TYR A 257 30.61 -23.85 -7.27
CA TYR A 257 29.96 -22.67 -6.68
C TYR A 257 28.89 -22.03 -7.58
N THR A 258 27.85 -21.54 -6.94
CA THR A 258 26.79 -20.80 -7.60
C THR A 258 26.51 -19.53 -6.80
N CYS A 259 26.20 -18.44 -7.49
CA CYS A 259 25.75 -17.27 -6.78
C CYS A 259 24.24 -17.15 -6.90
N HIS A 260 23.60 -16.78 -5.81
CA HIS A 260 22.14 -16.69 -5.79
C HIS A 260 21.67 -15.30 -5.42
N VAL A 261 20.90 -14.72 -6.33
CA VAL A 261 20.47 -13.34 -6.21
C VAL A 261 18.96 -13.30 -6.06
N GLN A 262 18.48 -12.80 -4.93
CA GLN A 262 17.05 -12.53 -4.77
C GLN A 262 16.79 -11.03 -4.77
N HIS A 263 15.85 -10.60 -5.59
CA HIS A 263 15.44 -9.21 -5.57
C HIS A 263 14.00 -9.08 -6.02
N GLU A 264 13.40 -7.94 -5.73
CA GLU A 264 12.00 -7.72 -6.04
C GLU A 264 11.78 -7.60 -7.55
N GLY A 265 12.78 -7.08 -8.26
CA GLY A 265 12.71 -6.91 -9.70
C GLY A 265 12.96 -8.19 -10.47
N LEU A 266 13.16 -9.29 -9.74
CA LEU A 266 13.41 -10.60 -10.36
C LEU A 266 12.26 -11.53 -10.03
N PRO A 267 11.55 -11.98 -11.07
CA PRO A 267 10.41 -12.90 -10.95
C PRO A 267 10.84 -14.21 -10.27
N LYS A 268 11.86 -14.84 -10.85
CA LYS A 268 12.51 -15.98 -10.23
C LYS A 268 13.94 -15.60 -9.84
N PRO A 269 14.35 -15.97 -8.62
CA PRO A 269 15.73 -15.78 -8.14
C PRO A 269 16.78 -16.24 -9.18
N LEU A 270 17.86 -15.49 -9.33
CA LEU A 270 18.91 -15.82 -10.30
C LEU A 270 19.94 -16.80 -9.77
N THR A 271 20.51 -17.61 -10.68
CA THR A 271 21.64 -18.45 -10.35
C THR A 271 22.75 -18.26 -11.36
N LEU A 272 23.93 -17.90 -10.86
CA LEU A 272 25.09 -17.66 -11.70
C LEU A 272 26.14 -18.74 -11.45
N ARG A 273 26.71 -19.26 -12.54
CA ARG A 273 27.81 -20.22 -12.46
C ARG A 273 29.03 -19.66 -13.15
N TRP A 274 30.20 -19.85 -12.57
CA TRP A 274 31.42 -19.56 -13.30
C TRP A 274 31.66 -20.69 -14.29
N GLU A 275 31.37 -20.46 -15.56
CA GLU A 275 31.54 -21.52 -16.54
C GLU A 275 31.45 -21.04 -18.00
N ILE B 2 28.72 5.18 23.34
CA ILE B 2 28.84 4.37 22.13
C ILE B 2 29.84 4.98 21.15
N GLN B 3 30.55 4.10 20.44
CA GLN B 3 31.55 4.55 19.48
C GLN B 3 31.79 3.49 18.41
N ARG B 4 31.10 3.61 17.29
CA ARG B 4 31.24 2.66 16.19
C ARG B 4 32.27 3.15 15.18
N THR B 5 32.86 2.21 14.45
CA THR B 5 33.88 2.54 13.45
C THR B 5 33.35 2.41 12.02
N PRO B 6 33.64 3.44 11.21
CA PRO B 6 33.18 3.54 9.83
C PRO B 6 33.68 2.44 8.93
N LYS B 7 32.76 1.67 8.38
CA LYS B 7 33.07 0.81 7.26
C LYS B 7 33.24 1.70 6.04
N ILE B 8 34.24 1.41 5.20
CA ILE B 8 34.55 2.28 4.09
C ILE B 8 34.56 1.52 2.79
N GLN B 9 33.85 2.02 1.79
CA GLN B 9 33.91 1.46 0.46
C GLN B 9 34.22 2.55 -0.57
N VAL B 10 35.20 2.26 -1.43
CA VAL B 10 35.54 3.16 -2.53
C VAL B 10 35.24 2.41 -3.82
N TYR B 11 34.56 3.08 -4.74
CA TYR B 11 34.09 2.44 -5.95
C TYR B 11 33.59 3.47 -6.96
N SER B 12 33.32 3.02 -8.18
CA SER B 12 32.80 3.91 -9.20
C SER B 12 31.33 3.62 -9.40
N ARG B 13 30.56 4.63 -9.79
CA ARG B 13 29.12 4.46 -10.04
C ARG B 13 28.84 3.55 -11.23
N HIS B 14 29.65 3.69 -12.29
CA HIS B 14 29.56 2.80 -13.45
C HIS B 14 30.83 1.96 -13.56
N PRO B 15 30.74 0.79 -14.20
CA PRO B 15 31.96 0.04 -14.48
C PRO B 15 33.03 0.94 -15.12
N ALA B 16 34.25 0.84 -14.61
CA ALA B 16 35.29 1.79 -14.98
C ALA B 16 35.95 1.48 -16.33
N GLU B 17 35.90 2.46 -17.23
CA GLU B 17 36.56 2.32 -18.51
C GLU B 17 37.41 3.56 -18.69
N ASN B 18 38.69 3.36 -18.98
CA ASN B 18 39.58 4.49 -19.20
C ASN B 18 38.99 5.41 -20.24
N GLY B 19 39.04 6.72 -19.98
CA GLY B 19 38.59 7.70 -20.94
C GLY B 19 37.19 8.22 -20.70
N LYS B 20 36.29 7.33 -20.28
CA LYS B 20 34.88 7.67 -20.11
C LYS B 20 34.59 8.29 -18.73
N SER B 21 33.63 9.21 -18.69
CA SER B 21 33.31 9.92 -17.45
C SER B 21 32.50 9.05 -16.51
N ASN B 22 32.70 9.29 -15.22
CA ASN B 22 32.14 8.45 -14.18
C ASN B 22 32.10 9.22 -12.89
N PHE B 23 31.60 8.58 -11.84
CA PHE B 23 31.68 9.16 -10.51
C PHE B 23 32.47 8.25 -9.63
N LEU B 24 33.38 8.83 -8.85
CA LEU B 24 34.14 8.11 -7.83
C LEU B 24 33.46 8.24 -6.48
N ASN B 25 33.08 7.11 -5.88
CA ASN B 25 32.32 7.12 -4.64
C ASN B 25 33.08 6.63 -3.44
N CYS B 26 32.82 7.24 -2.29
CA CYS B 26 33.30 6.74 -1.02
C CYS B 26 32.14 6.74 -0.08
N TYR B 27 31.77 5.54 0.35
CA TYR B 27 30.60 5.35 1.19
C TYR B 27 31.08 4.86 2.53
N VAL B 28 30.84 5.67 3.55
CA VAL B 28 31.16 5.30 4.93
C VAL B 28 29.88 5.02 5.73
N SER B 29 29.80 3.84 6.30
CA SER B 29 28.62 3.46 7.06
C SER B 29 28.98 2.93 8.45
N GLY B 30 27.99 2.82 9.32
CA GLY B 30 28.15 2.15 10.59
C GLY B 30 28.90 2.91 11.65
N PHE B 31 29.07 4.22 11.49
CA PHE B 31 29.83 5.00 12.44
C PHE B 31 28.97 5.85 13.34
N HIS B 32 29.54 6.19 14.47
CA HIS B 32 28.92 7.02 15.48
C HIS B 32 30.05 7.44 16.39
N PRO B 33 30.11 8.70 16.77
CA PRO B 33 29.16 9.72 16.40
C PRO B 33 29.30 10.20 14.98
N SER B 34 28.76 11.34 14.67
CA SER B 34 28.66 11.74 13.30
C SER B 34 29.76 12.65 12.84
N ASP B 35 30.73 12.89 13.70
CA ASP B 35 31.86 13.68 13.32
C ASP B 35 32.84 12.79 12.67
N ILE B 36 33.14 13.09 11.44
CA ILE B 36 34.14 12.31 10.70
C ILE B 36 34.62 13.06 9.47
N GLU B 37 35.89 12.90 9.14
CA GLU B 37 36.48 13.56 7.98
C GLU B 37 36.68 12.56 6.84
N VAL B 38 36.23 12.95 5.64
CA VAL B 38 36.35 12.09 4.46
C VAL B 38 36.93 12.84 3.27
N ASP B 39 38.04 12.34 2.75
CA ASP B 39 38.71 12.97 1.62
C ASP B 39 38.88 11.99 0.48
N LEU B 40 38.76 12.50 -0.74
CA LEU B 40 39.02 11.71 -1.94
C LEU B 40 40.34 12.13 -2.59
N LEU B 41 41.17 11.15 -2.91
CA LEU B 41 42.50 11.45 -3.40
C LEU B 41 42.72 11.02 -4.84
N LYS B 42 43.41 11.87 -5.58
CA LYS B 42 43.90 11.49 -6.89
C LYS B 42 45.42 11.47 -6.78
N ASN B 43 46.02 10.30 -6.98
CA ASN B 43 47.47 10.14 -6.88
C ASN B 43 48.09 10.74 -5.61
N GLY B 44 47.37 10.65 -4.50
CA GLY B 44 47.91 11.04 -3.21
C GLY B 44 47.40 12.36 -2.68
N GLU B 45 46.83 13.18 -3.58
CA GLU B 45 46.42 14.54 -3.21
C GLU B 45 44.92 14.74 -3.08
N ARG B 46 44.55 15.74 -2.28
CA ARG B 46 43.14 15.99 -1.98
C ARG B 46 42.37 16.62 -3.13
N ILE B 47 41.37 15.88 -3.63
CA ILE B 47 40.45 16.39 -4.64
C ILE B 47 39.57 17.43 -4.00
N GLU B 48 39.34 18.54 -4.69
CA GLU B 48 38.65 19.68 -4.08
C GLU B 48 37.12 19.67 -4.20
N LYS B 49 36.61 19.59 -5.43
CA LYS B 49 35.16 19.65 -5.68
C LYS B 49 34.48 18.30 -5.43
N VAL B 50 34.31 17.96 -4.14
CA VAL B 50 33.83 16.67 -3.67
C VAL B 50 32.53 16.82 -2.90
N GLU B 51 31.39 16.58 -3.56
CA GLU B 51 30.12 16.73 -2.86
C GLU B 51 29.94 15.61 -1.84
N HIS B 52 28.73 15.48 -1.32
CA HIS B 52 28.38 14.38 -0.43
C HIS B 52 26.92 14.45 -0.04
N SER B 53 26.34 13.29 0.28
CA SER B 53 24.91 13.22 0.58
C SER B 53 24.60 13.85 1.93
N ASP B 54 23.32 13.85 2.29
CA ASP B 54 22.86 14.38 3.57
C ASP B 54 22.92 13.29 4.63
N LEU B 55 23.50 13.62 5.78
CA LEU B 55 23.59 12.66 6.89
C LEU B 55 22.27 11.96 7.18
N SER B 56 22.33 10.64 7.36
CA SER B 56 21.16 9.84 7.63
C SER B 56 21.70 8.67 8.45
N PHE B 57 20.84 7.77 8.92
CA PHE B 57 21.33 6.72 9.79
C PHE B 57 20.57 5.41 9.60
N SER B 58 20.93 4.41 10.37
CA SER B 58 20.41 3.05 10.16
C SER B 58 19.54 2.54 11.32
N LYS B 59 19.24 1.23 11.33
CA LYS B 59 18.38 0.71 12.36
C LYS B 59 19.08 0.64 13.72
N ASP B 60 20.40 0.57 13.72
CA ASP B 60 21.17 0.60 14.97
C ASP B 60 21.74 1.99 15.27
N TRP B 61 21.20 3.00 14.59
CA TRP B 61 21.50 4.43 14.81
C TRP B 61 22.81 4.96 14.24
N SER B 62 23.60 4.08 13.62
CA SER B 62 24.87 4.49 13.03
C SER B 62 24.63 5.19 11.72
N PHE B 63 25.37 6.27 11.50
CA PHE B 63 25.12 7.13 10.35
C PHE B 63 25.67 6.52 9.06
N TYR B 64 25.38 7.13 7.93
CA TYR B 64 26.08 6.81 6.70
C TYR B 64 26.12 8.03 5.80
N LEU B 65 27.16 8.13 4.98
CA LEU B 65 27.35 9.26 4.10
C LEU B 65 27.83 8.73 2.79
N LEU B 66 27.52 9.44 1.72
CA LEU B 66 28.13 9.13 0.45
C LEU B 66 28.97 10.34 0.03
N TYR B 67 30.26 10.11 -0.18
CA TYR B 67 31.11 11.13 -0.74
C TYR B 67 31.39 10.79 -2.19
N TYR B 68 31.25 11.76 -3.09
CA TYR B 68 31.35 11.50 -4.52
C TYR B 68 31.88 12.68 -5.29
N THR B 69 32.43 12.40 -6.47
CA THR B 69 33.07 13.41 -7.30
C THR B 69 33.06 12.96 -8.76
N GLU B 70 32.87 13.90 -9.69
CA GLU B 70 32.75 13.55 -11.10
C GLU B 70 34.14 13.36 -11.68
N PHE B 71 34.56 12.10 -11.85
CA PHE B 71 35.90 11.83 -12.36
C PHE B 71 35.90 11.00 -13.64
N THR B 72 37.02 11.00 -14.35
CA THR B 72 37.22 10.11 -15.49
C THR B 72 38.47 9.26 -15.31
N PRO B 73 38.28 7.93 -15.21
CA PRO B 73 39.40 7.02 -14.90
C PRO B 73 40.36 6.95 -16.07
N THR B 74 41.61 6.63 -15.77
CA THR B 74 42.61 6.45 -16.80
C THR B 74 43.37 5.19 -16.40
N GLU B 75 44.41 4.85 -17.16
CA GLU B 75 45.13 3.63 -16.84
C GLU B 75 46.18 3.80 -15.76
N LYS B 76 46.73 5.00 -15.61
CA LYS B 76 47.82 5.20 -14.65
C LYS B 76 47.46 6.02 -13.42
N ASP B 77 46.22 6.50 -13.35
CA ASP B 77 45.76 7.29 -12.21
C ASP B 77 45.40 6.41 -11.03
N GLU B 78 45.79 6.85 -9.85
CA GLU B 78 45.50 6.12 -8.64
C GLU B 78 44.59 6.95 -7.75
N TYR B 79 43.44 6.37 -7.40
CA TYR B 79 42.46 7.05 -6.57
C TYR B 79 42.33 6.33 -5.22
N ALA B 80 41.95 7.09 -4.19
CA ALA B 80 41.78 6.56 -2.84
C ALA B 80 40.78 7.38 -2.06
N CYS B 81 40.25 6.80 -0.98
CA CYS B 81 39.44 7.53 -0.03
C CYS B 81 40.18 7.52 1.29
N ARG B 82 40.12 8.61 2.03
CA ARG B 82 40.77 8.65 3.33
C ARG B 82 39.83 9.20 4.38
N VAL B 83 39.71 8.47 5.47
CA VAL B 83 38.77 8.81 6.52
C VAL B 83 39.43 8.88 7.88
N ASN B 84 39.02 9.86 8.67
CA ASN B 84 39.40 9.92 10.07
C ASN B 84 38.15 9.99 10.94
N HIS B 85 38.16 9.22 12.01
CA HIS B 85 37.06 9.20 12.95
C HIS B 85 37.68 9.04 14.33
N VAL B 86 36.86 9.22 15.37
CA VAL B 86 37.36 9.10 16.73
C VAL B 86 37.74 7.65 17.07
N THR B 87 37.09 6.70 16.40
CA THR B 87 37.37 5.29 16.63
C THR B 87 38.56 4.81 15.81
N LEU B 88 39.24 5.75 15.18
CA LEU B 88 40.42 5.43 14.37
C LEU B 88 41.67 6.12 14.91
N SER B 89 42.59 5.33 15.44
CA SER B 89 43.82 5.86 16.00
C SER B 89 44.63 6.62 14.96
N GLN B 90 44.24 6.49 13.69
CA GLN B 90 44.92 7.16 12.60
C GLN B 90 44.09 7.14 11.33
N PRO B 91 44.37 8.06 10.42
CA PRO B 91 43.65 8.15 9.15
C PRO B 91 43.68 6.83 8.39
N LYS B 92 42.52 6.37 7.92
CA LYS B 92 42.42 5.12 7.20
C LYS B 92 42.27 5.35 5.70
N ILE B 93 43.31 5.01 4.95
CA ILE B 93 43.29 5.18 3.49
C ILE B 93 42.81 3.92 2.79
N VAL B 94 41.95 4.09 1.79
CA VAL B 94 41.41 2.96 1.04
C VAL B 94 41.58 3.17 -0.45
N LYS B 95 42.38 2.33 -1.09
CA LYS B 95 42.63 2.42 -2.52
C LYS B 95 41.39 2.04 -3.32
N TRP B 96 41.16 2.75 -4.42
CA TRP B 96 40.00 2.49 -5.27
C TRP B 96 40.29 1.35 -6.25
N ASP B 97 39.80 0.16 -5.92
CA ASP B 97 39.99 -1.01 -6.76
C ASP B 97 38.91 -1.12 -7.83
N ARG B 98 39.11 -0.40 -8.93
CA ARG B 98 38.14 -0.41 -10.02
C ARG B 98 37.86 -1.83 -10.50
N ASP B 99 38.87 -2.69 -10.38
CA ASP B 99 38.72 -4.08 -10.80
C ASP B 99 38.32 -4.98 -9.64
N ASN C 1 5.52 14.96 3.56
CA ASN C 1 4.73 15.88 4.39
C ASN C 1 4.94 15.65 5.88
N LEU C 2 5.73 16.52 6.50
CA LEU C 2 6.09 16.37 7.91
C LEU C 2 4.91 16.37 8.86
N VAL C 3 5.12 15.83 10.06
CA VAL C 3 4.14 15.93 11.11
C VAL C 3 4.00 17.39 11.46
N MET C 5 3.34 21.29 15.34
CA MET C 5 3.51 20.97 16.76
C MET C 5 4.32 19.69 16.88
N VAL C 6 5.44 19.78 17.59
CA VAL C 6 6.27 18.62 17.83
C VAL C 6 6.66 18.64 19.29
N ALA C 7 6.07 17.75 20.07
CA ALA C 7 6.28 17.70 21.51
C ALA C 7 7.73 17.44 21.89
N THR C 8 8.18 18.14 22.93
CA THR C 8 9.54 17.98 23.42
C THR C 8 9.61 16.88 24.46
N VAL C 9 10.81 16.35 24.66
CA VAL C 9 11.05 15.33 25.65
C VAL C 9 10.91 15.88 27.07
N GLY D 1 -11.01 11.74 -2.19
CA GLY D 1 -9.63 11.47 -2.55
C GLY D 1 -9.53 10.96 -3.98
N SER D 2 -9.11 9.71 -4.12
CA SER D 2 -9.08 9.09 -5.43
C SER D 2 -10.50 8.73 -5.82
N HIS D 3 -10.67 8.32 -7.08
CA HIS D 3 -11.97 7.95 -7.61
C HIS D 3 -11.79 6.91 -8.72
N SER D 4 -12.81 6.11 -8.97
CA SER D 4 -12.68 5.03 -9.93
C SER D 4 -13.95 4.80 -10.74
N MET D 5 -13.78 4.37 -11.98
CA MET D 5 -14.91 3.86 -12.74
C MET D 5 -14.71 2.38 -13.04
N ARG D 6 -15.74 1.58 -12.79
CA ARG D 6 -15.63 0.14 -12.94
C ARG D 6 -16.91 -0.45 -13.52
N TYR D 7 -16.75 -1.28 -14.54
CA TYR D 7 -17.84 -2.02 -15.17
C TYR D 7 -17.73 -3.50 -14.83
N PHE D 8 -18.85 -4.13 -14.47
CA PHE D 8 -18.86 -5.52 -14.09
C PHE D 8 -19.76 -6.34 -14.98
N PHE D 9 -19.20 -7.38 -15.59
CA PHE D 9 -19.94 -8.20 -16.55
C PHE D 9 -20.08 -9.66 -16.12
N THR D 10 -21.33 -10.08 -15.90
CA THR D 10 -21.62 -11.46 -15.55
C THR D 10 -22.36 -12.17 -16.67
N SER D 11 -21.74 -13.23 -17.18
CA SER D 11 -22.27 -13.97 -18.31
C SER D 11 -22.45 -15.42 -17.91
N VAL D 12 -23.67 -15.93 -18.01
CA VAL D 12 -23.95 -17.27 -17.51
C VAL D 12 -24.73 -18.12 -18.51
N SER D 13 -24.20 -19.29 -18.85
CA SER D 13 -24.83 -20.13 -19.86
C SER D 13 -26.10 -20.83 -19.37
N ARG D 14 -27.02 -21.07 -20.30
CA ARG D 14 -28.29 -21.74 -20.00
C ARG D 14 -28.62 -22.75 -21.11
N PRO D 15 -27.85 -23.85 -21.17
CA PRO D 15 -28.01 -24.82 -22.27
C PRO D 15 -29.38 -25.50 -22.24
N GLY D 16 -30.00 -25.69 -23.41
CA GLY D 16 -31.32 -26.29 -23.48
C GLY D 16 -32.37 -25.40 -22.83
N ARG D 17 -31.96 -24.16 -22.53
CA ARG D 17 -32.84 -23.16 -21.93
C ARG D 17 -32.61 -21.81 -22.60
N GLY D 18 -31.87 -21.80 -23.70
CA GLY D 18 -31.78 -20.62 -24.55
C GLY D 18 -30.46 -19.87 -24.60
N GLU D 19 -30.55 -18.56 -24.81
CA GLU D 19 -29.39 -17.68 -24.85
C GLU D 19 -28.86 -17.46 -23.44
N PRO D 20 -27.56 -17.13 -23.33
CA PRO D 20 -26.93 -16.87 -22.04
C PRO D 20 -27.52 -15.64 -21.35
N ARG D 21 -27.49 -15.66 -20.02
CA ARG D 21 -27.79 -14.51 -19.20
C ARG D 21 -26.58 -13.59 -19.29
N PHE D 22 -26.81 -12.30 -19.44
CA PHE D 22 -25.70 -11.35 -19.51
C PHE D 22 -26.08 -10.09 -18.75
N ILE D 23 -25.32 -9.82 -17.70
CA ILE D 23 -25.60 -8.66 -16.87
C ILE D 23 -24.38 -7.77 -16.86
N ALA D 24 -24.61 -6.48 -17.02
CA ALA D 24 -23.53 -5.52 -16.98
C ALA D 24 -23.91 -4.47 -15.97
N VAL D 25 -23.03 -4.18 -15.03
CA VAL D 25 -23.25 -3.03 -14.16
C VAL D 25 -22.07 -2.08 -14.26
N GLY D 26 -22.32 -0.83 -13.88
CA GLY D 26 -21.31 0.20 -13.99
C GLY D 26 -21.30 1.00 -12.72
N TYR D 27 -20.10 1.37 -12.26
CA TYR D 27 -19.96 2.07 -11.01
C TYR D 27 -18.99 3.22 -11.19
N VAL D 28 -19.29 4.33 -10.54
CA VAL D 28 -18.25 5.29 -10.22
C VAL D 28 -18.19 5.21 -8.71
N ASP D 29 -16.99 5.09 -8.16
CA ASP D 29 -16.80 4.77 -6.74
C ASP D 29 -17.80 3.69 -6.28
N ASP D 30 -18.53 3.94 -5.19
CA ASP D 30 -19.46 2.92 -4.70
C ASP D 30 -20.88 3.14 -5.21
N THR D 31 -21.01 3.93 -6.27
CA THR D 31 -22.33 4.29 -6.79
C THR D 31 -22.51 3.67 -8.15
N GLN D 32 -23.52 2.82 -8.28
CA GLN D 32 -23.85 2.27 -9.59
C GLN D 32 -24.54 3.34 -10.39
N PHE D 33 -24.28 3.40 -11.69
CA PHE D 33 -24.91 4.42 -12.52
C PHE D 33 -25.61 3.88 -13.77
N VAL D 34 -25.35 2.62 -14.12
CA VAL D 34 -25.94 2.02 -15.31
C VAL D 34 -26.12 0.50 -15.17
N ARG D 35 -27.01 -0.07 -15.98
CA ARG D 35 -27.21 -1.51 -15.99
C ARG D 35 -27.63 -2.02 -17.37
N PHE D 36 -27.16 -3.21 -17.72
CA PHE D 36 -27.72 -3.98 -18.83
C PHE D 36 -28.04 -5.40 -18.35
N ASP D 37 -29.18 -5.93 -18.78
CA ASP D 37 -29.59 -7.25 -18.40
C ASP D 37 -30.27 -7.89 -19.60
N SER D 38 -29.62 -8.87 -20.22
CA SER D 38 -30.19 -9.56 -21.37
C SER D 38 -31.67 -9.88 -21.17
N ASP D 39 -32.06 -10.19 -19.93
CA ASP D 39 -33.41 -10.68 -19.67
C ASP D 39 -34.47 -9.59 -19.54
N ALA D 40 -34.05 -8.34 -19.44
CA ALA D 40 -35.01 -7.23 -19.32
C ALA D 40 -35.59 -6.73 -20.65
N ALA D 41 -36.57 -5.83 -20.53
CA ALA D 41 -37.37 -5.42 -21.67
C ALA D 41 -36.63 -4.53 -22.66
N SER D 42 -36.01 -3.47 -22.13
CA SER D 42 -35.50 -2.38 -22.96
C SER D 42 -34.37 -2.72 -23.92
N GLN D 43 -33.64 -3.80 -23.66
CA GLN D 43 -32.38 -4.09 -24.36
C GLN D 43 -31.54 -2.82 -24.57
N ARG D 44 -31.73 -1.83 -23.70
CA ARG D 44 -30.92 -0.62 -23.72
C ARG D 44 -30.01 -0.66 -22.50
N MET D 45 -28.93 0.10 -22.55
CA MET D 45 -28.19 0.39 -21.35
C MET D 45 -29.04 1.40 -20.56
N GLU D 46 -29.46 1.04 -19.35
CA GLU D 46 -30.28 1.92 -18.54
C GLU D 46 -29.50 2.61 -17.41
N PRO D 47 -29.90 3.85 -17.08
CA PRO D 47 -29.36 4.63 -15.97
C PRO D 47 -29.87 4.11 -14.62
N ARG D 48 -29.04 4.20 -13.60
CA ARG D 48 -29.39 3.76 -12.24
C ARG D 48 -28.85 4.78 -11.26
N ALA D 49 -28.45 5.91 -11.81
CA ALA D 49 -28.12 7.08 -11.02
C ALA D 49 -28.87 8.22 -11.67
N PRO D 50 -29.55 9.05 -10.87
CA PRO D 50 -30.26 10.23 -11.38
C PRO D 50 -29.36 11.23 -12.12
N TRP D 51 -28.05 11.27 -11.85
CA TRP D 51 -27.18 12.23 -12.53
C TRP D 51 -26.89 11.89 -13.98
N ILE D 52 -26.95 10.59 -14.28
CA ILE D 52 -26.63 10.11 -15.62
C ILE D 52 -27.84 10.16 -16.57
N GLU D 53 -29.05 10.31 -16.03
CA GLU D 53 -30.27 10.25 -16.84
C GLU D 53 -30.38 11.34 -17.90
N GLN D 54 -29.76 12.49 -17.62
CA GLN D 54 -29.79 13.61 -18.55
C GLN D 54 -28.49 13.70 -19.35
N GLU D 55 -28.01 12.55 -19.79
CA GLU D 55 -26.78 12.48 -20.58
C GLU D 55 -27.04 12.81 -22.04
N GLY D 56 -28.14 12.28 -22.58
CA GLY D 56 -28.50 12.53 -23.97
C GLY D 56 -28.67 11.25 -24.75
N PRO D 57 -29.25 11.37 -25.94
CA PRO D 57 -29.48 10.19 -26.80
C PRO D 57 -28.16 9.63 -27.33
N GLU D 58 -27.24 10.51 -27.72
CA GLU D 58 -25.95 10.10 -28.24
C GLU D 58 -25.24 9.15 -27.28
N TYR D 59 -25.25 9.49 -26.00
CA TYR D 59 -24.61 8.68 -24.97
C TYR D 59 -25.31 7.34 -24.79
N TRP D 60 -26.64 7.37 -24.71
CA TRP D 60 -27.42 6.16 -24.50
C TRP D 60 -27.39 5.19 -25.69
N ASP D 61 -27.41 5.73 -26.91
CA ASP D 61 -27.32 4.92 -28.13
C ASP D 61 -25.95 4.22 -28.25
N GLY D 62 -24.90 4.94 -27.87
CA GLY D 62 -23.56 4.40 -27.87
C GLY D 62 -23.34 3.36 -26.81
N GLU D 63 -23.72 3.65 -25.56
CA GLU D 63 -23.55 2.67 -24.49
C GLU D 63 -24.32 1.38 -24.77
N THR D 64 -25.51 1.51 -25.34
CA THR D 64 -26.31 0.35 -25.74
C THR D 64 -25.63 -0.44 -26.85
N ARG D 65 -25.11 0.30 -27.81
CA ARG D 65 -24.38 -0.27 -28.92
C ARG D 65 -23.25 -1.16 -28.41
N LYS D 66 -22.42 -0.58 -27.56
CA LYS D 66 -21.24 -1.25 -27.02
C LYS D 66 -21.58 -2.37 -26.05
N VAL D 67 -22.55 -2.14 -25.16
CA VAL D 67 -22.94 -3.14 -24.18
C VAL D 67 -23.49 -4.38 -24.86
N LYS D 68 -23.94 -4.21 -26.10
CA LYS D 68 -24.50 -5.33 -26.86
C LYS D 68 -23.39 -6.08 -27.59
N ALA D 69 -22.33 -5.34 -27.94
CA ALA D 69 -21.12 -5.92 -28.54
C ALA D 69 -20.41 -6.80 -27.52
N HIS D 70 -20.41 -6.37 -26.27
CA HIS D 70 -19.91 -7.15 -25.14
C HIS D 70 -20.73 -8.41 -24.98
N SER D 71 -22.05 -8.25 -24.89
CA SER D 71 -22.98 -9.36 -24.78
C SER D 71 -22.65 -10.47 -25.78
N GLN D 72 -22.43 -10.08 -27.03
CA GLN D 72 -22.12 -11.02 -28.11
C GLN D 72 -20.77 -11.70 -27.97
N THR D 73 -19.73 -10.90 -27.75
CA THR D 73 -18.40 -11.42 -27.46
C THR D 73 -18.42 -12.42 -26.31
N HIS D 74 -19.31 -12.20 -25.34
CA HIS D 74 -19.43 -13.09 -24.20
C HIS D 74 -20.22 -14.35 -24.54
N ARG D 75 -21.13 -14.22 -25.51
CA ARG D 75 -21.91 -15.37 -25.95
C ARG D 75 -21.02 -16.38 -26.67
N VAL D 76 -20.04 -15.87 -27.41
CA VAL D 76 -19.07 -16.70 -28.09
C VAL D 76 -18.09 -17.32 -27.10
N ASP D 77 -17.61 -16.50 -26.18
CA ASP D 77 -16.62 -16.91 -25.19
C ASP D 77 -17.07 -18.16 -24.46
N LEU D 78 -18.34 -18.18 -24.05
CA LEU D 78 -18.88 -19.32 -23.31
C LEU D 78 -18.66 -20.65 -24.07
N GLY D 79 -18.91 -20.64 -25.37
CA GLY D 79 -18.69 -21.81 -26.20
C GLY D 79 -17.22 -22.13 -26.36
N THR D 80 -16.41 -21.10 -26.59
CA THR D 80 -14.97 -21.29 -26.76
C THR D 80 -14.30 -21.83 -25.50
N LEU D 81 -14.91 -21.58 -24.34
CA LEU D 81 -14.36 -22.02 -23.06
C LEU D 81 -14.86 -23.42 -22.72
N ARG D 82 -16.02 -23.78 -23.26
CA ARG D 82 -16.50 -25.15 -23.18
C ARG D 82 -15.47 -26.06 -23.86
N GLY D 83 -14.98 -25.63 -25.02
CA GLY D 83 -14.00 -26.38 -25.78
C GLY D 83 -12.63 -26.46 -25.14
N TYR D 84 -12.04 -25.32 -24.82
CA TYR D 84 -10.73 -25.28 -24.18
C TYR D 84 -10.62 -26.30 -23.05
N TYR D 85 -11.70 -26.40 -22.28
CA TYR D 85 -11.70 -27.18 -21.05
C TYR D 85 -12.36 -28.54 -21.25
N ASN D 86 -12.67 -28.88 -22.49
CA ASN D 86 -13.30 -30.15 -22.81
C ASN D 86 -14.45 -30.44 -21.83
N GLN D 87 -15.49 -29.61 -21.91
CA GLN D 87 -16.63 -29.70 -21.02
C GLN D 87 -17.90 -29.99 -21.80
N SER D 88 -18.87 -30.62 -21.13
CA SER D 88 -20.12 -31.05 -21.78
C SER D 88 -21.05 -29.88 -22.10
N GLU D 89 -21.78 -30.01 -23.20
CA GLU D 89 -22.71 -28.97 -23.60
C GLU D 89 -23.89 -28.93 -22.65
N ALA D 90 -23.90 -29.87 -21.72
CA ALA D 90 -24.94 -29.94 -20.70
C ALA D 90 -24.74 -28.87 -19.62
N GLY D 91 -23.49 -28.72 -19.17
CA GLY D 91 -23.14 -27.81 -18.09
C GLY D 91 -23.45 -26.32 -18.25
N SER D 92 -23.98 -25.74 -17.19
CA SER D 92 -24.10 -24.29 -17.06
C SER D 92 -22.79 -23.75 -16.46
N HIS D 93 -22.16 -22.81 -17.16
CA HIS D 93 -20.90 -22.23 -16.70
C HIS D 93 -20.99 -20.71 -16.59
N THR D 94 -20.10 -20.12 -15.82
CA THR D 94 -20.13 -18.67 -15.60
C THR D 94 -18.84 -18.00 -16.07
N VAL D 95 -19.00 -16.90 -16.81
CA VAL D 95 -17.87 -16.04 -17.12
C VAL D 95 -18.03 -14.71 -16.36
N GLN D 96 -16.93 -14.08 -16.01
CA GLN D 96 -16.97 -12.80 -15.32
C GLN D 96 -15.84 -11.92 -15.81
N ARG D 97 -16.13 -10.64 -16.03
CA ARG D 97 -15.14 -9.69 -16.49
C ARG D 97 -15.29 -8.38 -15.74
N MET D 98 -14.19 -7.87 -15.23
CA MET D 98 -14.21 -6.60 -14.51
C MET D 98 -13.11 -5.73 -15.07
N TYR D 99 -13.44 -4.51 -15.45
CA TYR D 99 -12.42 -3.55 -15.86
C TYR D 99 -12.80 -2.14 -15.43
N GLY D 100 -11.80 -1.27 -15.30
CA GLY D 100 -12.03 0.11 -14.92
C GLY D 100 -10.76 0.91 -14.77
N CYS D 101 -10.91 2.21 -14.53
CA CYS D 101 -9.75 3.10 -14.34
C CYS D 101 -9.85 3.91 -13.04
N ASP D 102 -8.70 4.35 -12.54
CA ASP D 102 -8.62 5.11 -11.32
C ASP D 102 -7.91 6.45 -11.55
N VAL D 103 -8.43 7.54 -10.97
CA VAL D 103 -7.71 8.82 -10.92
C VAL D 103 -7.36 9.18 -9.48
N GLY D 104 -6.24 9.88 -9.29
CA GLY D 104 -5.88 10.35 -7.97
C GLY D 104 -6.68 11.58 -7.58
N SER D 105 -6.28 12.24 -6.51
CA SER D 105 -6.98 13.46 -6.11
C SER D 105 -6.76 14.56 -7.14
N ASP D 106 -5.72 14.36 -7.96
CA ASP D 106 -5.49 15.25 -9.09
C ASP D 106 -6.47 15.00 -10.25
N TRP D 107 -7.34 14.00 -10.08
CA TRP D 107 -8.23 13.59 -11.17
C TRP D 107 -7.38 13.27 -12.39
N ARG D 108 -6.18 12.79 -12.11
CA ARG D 108 -5.23 12.39 -13.14
C ARG D 108 -5.05 10.88 -13.07
N PHE D 109 -5.02 10.25 -14.23
CA PHE D 109 -4.91 8.79 -14.30
C PHE D 109 -3.88 8.23 -13.31
N LEU D 110 -4.24 7.10 -12.70
CA LEU D 110 -3.44 6.51 -11.63
C LEU D 110 -3.18 5.04 -11.94
N ARG D 111 -4.18 4.36 -12.47
CA ARG D 111 -4.06 2.94 -12.81
C ARG D 111 -5.29 2.48 -13.57
N GLY D 112 -5.12 1.43 -14.37
CA GLY D 112 -6.23 0.80 -15.05
C GLY D 112 -6.14 -0.71 -14.85
N TYR D 113 -7.23 -1.41 -15.11
CA TYR D 113 -7.26 -2.85 -14.91
C TYR D 113 -8.30 -3.58 -15.76
N HIS D 114 -8.11 -4.90 -15.92
CA HIS D 114 -9.04 -5.74 -16.68
C HIS D 114 -8.84 -7.20 -16.29
N GLN D 115 -9.84 -7.80 -15.65
CA GLN D 115 -9.74 -9.18 -15.23
C GLN D 115 -10.86 -10.00 -15.81
N TYR D 116 -10.55 -11.23 -16.17
CA TYR D 116 -11.53 -12.13 -16.77
C TYR D 116 -11.50 -13.36 -15.91
N ALA D 117 -12.64 -14.04 -15.82
CA ALA D 117 -12.73 -15.21 -14.96
C ALA D 117 -13.67 -16.25 -15.55
N TYR D 118 -13.26 -17.51 -15.47
CA TYR D 118 -14.13 -18.61 -15.83
C TYR D 118 -14.46 -19.46 -14.60
N ASP D 119 -15.74 -19.64 -14.31
CA ASP D 119 -16.19 -20.43 -13.17
C ASP D 119 -15.63 -19.99 -11.83
N GLY D 120 -15.74 -18.70 -11.53
CA GLY D 120 -15.34 -18.17 -10.24
C GLY D 120 -13.86 -18.20 -9.99
N LYS D 121 -13.08 -18.42 -11.03
CA LYS D 121 -11.65 -18.51 -10.88
C LYS D 121 -10.93 -17.63 -11.89
N ASP D 122 -9.79 -17.07 -11.51
CA ASP D 122 -8.99 -16.26 -12.42
C ASP D 122 -8.76 -16.99 -13.73
N TYR D 123 -8.84 -16.26 -14.85
CA TYR D 123 -8.54 -16.82 -16.15
C TYR D 123 -7.34 -16.11 -16.75
N ILE D 124 -7.57 -14.88 -17.22
CA ILE D 124 -6.50 -14.03 -17.72
C ILE D 124 -6.73 -12.60 -17.24
N ALA D 125 -5.65 -11.83 -17.15
CA ALA D 125 -5.76 -10.48 -16.60
C ALA D 125 -4.71 -9.53 -17.16
N LEU D 126 -5.09 -8.27 -17.35
CA LEU D 126 -4.14 -7.25 -17.75
C LEU D 126 -3.26 -6.94 -16.56
N LYS D 127 -1.94 -6.95 -16.76
CA LYS D 127 -1.00 -6.66 -15.68
C LYS D 127 -0.94 -5.16 -15.49
N GLU D 128 -0.35 -4.74 -14.36
CA GLU D 128 -0.30 -3.32 -14.00
C GLU D 128 0.24 -2.43 -15.13
N ASP D 129 1.19 -2.94 -15.90
CA ASP D 129 1.81 -2.13 -16.96
C ASP D 129 0.90 -2.00 -18.20
N LEU D 130 -0.18 -2.75 -18.23
CA LEU D 130 -1.17 -2.66 -19.30
C LEU D 130 -0.59 -2.92 -20.70
N ARG D 131 0.48 -3.68 -20.76
CA ARG D 131 1.12 -4.00 -22.04
C ARG D 131 1.28 -5.52 -22.20
N SER D 132 1.01 -6.24 -21.12
CA SER D 132 1.13 -7.68 -21.11
C SER D 132 0.04 -8.34 -20.23
N TRP D 133 -0.13 -9.65 -20.39
CA TRP D 133 -1.19 -10.41 -19.72
C TRP D 133 -0.65 -11.45 -18.74
N THR D 134 -1.51 -11.92 -17.84
CA THR D 134 -1.15 -13.04 -16.99
C THR D 134 -2.18 -14.16 -17.10
N ALA D 135 -1.90 -15.15 -17.95
CA ALA D 135 -2.80 -16.30 -18.09
C ALA D 135 -2.63 -17.22 -16.90
N ALA D 136 -3.74 -17.51 -16.24
CA ALA D 136 -3.72 -18.26 -14.99
C ALA D 136 -3.31 -19.71 -15.15
N ASP D 137 -3.69 -20.33 -16.27
CA ASP D 137 -3.40 -21.74 -16.48
C ASP D 137 -3.13 -22.10 -17.95
N MET D 138 -3.25 -23.39 -18.26
CA MET D 138 -2.93 -23.92 -19.59
C MET D 138 -3.89 -23.39 -20.66
N ALA D 139 -5.18 -23.42 -20.34
CA ALA D 139 -6.22 -22.95 -21.26
C ALA D 139 -6.09 -21.47 -21.58
N ALA D 140 -5.86 -20.64 -20.55
CA ALA D 140 -5.76 -19.20 -20.73
C ALA D 140 -4.52 -18.82 -21.53
N GLN D 141 -3.57 -19.73 -21.61
CA GLN D 141 -2.37 -19.53 -22.41
C GLN D 141 -2.73 -19.28 -23.88
N THR D 142 -3.66 -20.08 -24.38
CA THR D 142 -4.18 -19.91 -25.73
C THR D 142 -4.77 -18.52 -25.95
N THR D 143 -5.48 -18.02 -24.95
CA THR D 143 -6.03 -16.68 -25.06
C THR D 143 -4.89 -15.66 -25.01
N LYS D 144 -3.96 -15.82 -24.07
CA LYS D 144 -2.85 -14.88 -23.93
C LYS D 144 -2.17 -14.64 -25.27
N HIS D 145 -1.80 -15.74 -25.92
CA HIS D 145 -1.20 -15.68 -27.25
C HIS D 145 -2.12 -14.99 -28.26
N LYS D 146 -3.36 -15.49 -28.35
CA LYS D 146 -4.37 -14.92 -29.23
C LYS D 146 -4.49 -13.40 -29.07
N TRP D 147 -4.37 -12.93 -27.84
CA TRP D 147 -4.59 -11.54 -27.51
C TRP D 147 -3.34 -10.68 -27.75
N GLU D 148 -2.17 -11.27 -27.51
CA GLU D 148 -0.92 -10.58 -27.80
C GLU D 148 -0.77 -10.41 -29.31
N ALA D 149 -1.21 -11.42 -30.04
CA ALA D 149 -1.16 -11.39 -31.49
C ALA D 149 -2.23 -10.47 -32.05
N ALA D 150 -3.20 -10.11 -31.22
CA ALA D 150 -4.23 -9.19 -31.66
C ALA D 150 -3.92 -7.78 -31.15
N HIS D 151 -2.85 -7.67 -30.37
CA HIS D 151 -2.44 -6.41 -29.75
C HIS D 151 -3.57 -5.82 -28.91
N VAL D 152 -4.31 -6.71 -28.26
CA VAL D 152 -5.47 -6.34 -27.45
C VAL D 152 -5.11 -5.31 -26.37
N ALA D 153 -3.97 -5.53 -25.70
CA ALA D 153 -3.52 -4.66 -24.60
C ALA D 153 -3.21 -3.23 -25.03
N GLU D 154 -2.74 -3.04 -26.26
CA GLU D 154 -2.52 -1.70 -26.80
C GLU D 154 -3.84 -0.97 -26.73
N GLN D 155 -4.86 -1.61 -27.29
CA GLN D 155 -6.20 -1.05 -27.41
C GLN D 155 -6.85 -0.75 -26.06
N LEU D 156 -6.58 -1.58 -25.07
CA LEU D 156 -7.09 -1.40 -23.71
C LEU D 156 -6.38 -0.27 -22.99
N ARG D 157 -5.05 -0.29 -23.00
CA ARG D 157 -4.26 0.76 -22.37
C ARG D 157 -4.74 2.14 -22.81
N ALA D 158 -5.13 2.25 -24.07
CA ALA D 158 -5.56 3.52 -24.65
C ALA D 158 -6.92 3.94 -24.12
N TYR D 159 -7.85 3.01 -24.09
CA TYR D 159 -9.17 3.26 -23.50
C TYR D 159 -9.03 3.66 -22.05
N LEU D 160 -8.24 2.90 -21.31
CA LEU D 160 -8.08 3.11 -19.88
C LEU D 160 -7.42 4.45 -19.55
N GLU D 161 -6.50 4.89 -20.40
CA GLU D 161 -5.78 6.13 -20.14
C GLU D 161 -6.50 7.33 -20.79
N GLY D 162 -7.45 7.04 -21.67
CA GLY D 162 -8.23 8.09 -22.32
C GLY D 162 -9.72 8.04 -22.00
N THR D 163 -10.49 7.45 -22.92
CA THR D 163 -11.95 7.34 -22.79
C THR D 163 -12.38 7.10 -21.36
N CYS D 164 -11.77 6.10 -20.73
CA CYS D 164 -12.10 5.71 -19.36
C CYS D 164 -12.00 6.88 -18.40
N VAL D 165 -10.80 7.41 -18.21
CA VAL D 165 -10.59 8.46 -17.23
C VAL D 165 -11.26 9.79 -17.58
N GLU D 166 -11.23 10.17 -18.85
CA GLU D 166 -11.86 11.42 -19.24
C GLU D 166 -13.36 11.37 -18.93
N TRP D 167 -13.97 10.21 -19.11
CA TRP D 167 -15.38 10.05 -18.82
C TRP D 167 -15.63 9.88 -17.35
N LEU D 168 -14.69 9.25 -16.65
CA LEU D 168 -14.77 9.19 -15.20
C LEU D 168 -14.79 10.62 -14.69
N ARG D 169 -13.88 11.45 -15.21
CA ARG D 169 -13.84 12.86 -14.84
C ARG D 169 -15.14 13.58 -15.18
N ARG D 170 -15.75 13.20 -16.31
CA ARG D 170 -17.04 13.76 -16.70
C ARG D 170 -18.13 13.46 -15.67
N TYR D 171 -18.32 12.19 -15.33
CA TYR D 171 -19.36 11.78 -14.41
C TYR D 171 -19.24 12.44 -13.03
N LEU D 172 -18.00 12.71 -12.61
CA LEU D 172 -17.77 13.23 -11.26
C LEU D 172 -18.32 14.65 -11.14
N GLU D 173 -18.46 15.31 -12.28
CA GLU D 173 -19.10 16.62 -12.34
C GLU D 173 -20.62 16.47 -12.52
N ASN D 174 -21.04 15.68 -13.50
CA ASN D 174 -22.46 15.40 -13.74
C ASN D 174 -23.21 14.98 -12.48
N GLY D 175 -22.49 14.39 -11.54
CA GLY D 175 -23.11 13.97 -10.29
C GLY D 175 -22.30 14.41 -9.08
N LYS D 176 -21.79 15.63 -9.13
CA LYS D 176 -20.88 16.15 -8.10
C LYS D 176 -21.52 16.19 -6.70
N GLU D 177 -22.84 16.34 -6.66
CA GLU D 177 -23.54 16.37 -5.40
C GLU D 177 -23.61 14.96 -4.78
N THR D 178 -23.60 13.93 -5.62
CA THR D 178 -23.66 12.56 -5.15
C THR D 178 -22.27 11.96 -4.93
N LEU D 179 -21.41 12.18 -5.90
CA LEU D 179 -20.16 11.44 -5.96
C LEU D 179 -19.04 12.06 -5.13
N GLN D 180 -19.03 13.38 -5.04
CA GLN D 180 -18.01 14.09 -4.28
C GLN D 180 -18.48 14.33 -2.85
N ARG D 181 -19.44 13.54 -2.40
CA ARG D 181 -19.97 13.65 -1.06
C ARG D 181 -19.23 12.73 -0.09
N THR D 182 -19.41 12.97 1.22
CA THR D 182 -18.75 12.18 2.24
C THR D 182 -19.63 12.05 3.48
N ASP D 183 -20.64 11.20 3.40
CA ASP D 183 -21.56 10.98 4.52
C ASP D 183 -20.88 10.22 5.65
N ALA D 184 -20.48 10.94 6.68
CA ALA D 184 -19.82 10.34 7.83
C ALA D 184 -20.77 9.37 8.54
N PRO D 185 -20.20 8.32 9.15
CA PRO D 185 -21.05 7.29 9.76
C PRO D 185 -21.88 7.90 10.87
N LYS D 186 -23.13 7.48 10.96
CA LYS D 186 -23.91 7.83 12.13
C LYS D 186 -23.77 6.69 13.12
N THR D 187 -23.14 6.99 14.25
CA THR D 187 -22.68 5.97 15.18
C THR D 187 -23.44 5.93 16.51
N HIS D 188 -23.54 4.73 17.07
CA HIS D 188 -24.16 4.51 18.37
C HIS D 188 -23.92 3.08 18.82
N MET D 189 -24.14 2.81 20.10
CA MET D 189 -23.88 1.49 20.65
C MET D 189 -25.10 0.90 21.32
N THR D 190 -25.11 -0.41 21.46
CA THR D 190 -26.20 -1.10 22.13
C THR D 190 -25.68 -2.12 23.13
N HIS D 191 -26.55 -2.57 24.02
CA HIS D 191 -26.15 -3.46 25.10
C HIS D 191 -27.30 -4.43 25.41
N HIS D 192 -27.11 -5.69 25.07
CA HIS D 192 -28.09 -6.72 25.42
C HIS D 192 -27.47 -7.67 26.41
N ALA D 193 -28.29 -8.34 27.20
CA ALA D 193 -27.77 -9.24 28.23
C ALA D 193 -27.86 -10.69 27.78
N VAL D 194 -26.82 -11.18 27.10
CA VAL D 194 -26.77 -12.54 26.59
C VAL D 194 -27.06 -13.57 27.69
N SER D 195 -26.73 -13.22 28.92
CA SER D 195 -27.17 -13.96 30.09
C SER D 195 -27.23 -13.05 31.32
N ASP D 196 -26.80 -13.56 32.46
CA ASP D 196 -26.73 -12.76 33.66
C ASP D 196 -25.30 -12.69 34.18
N HIS D 197 -24.39 -13.30 33.44
CA HIS D 197 -22.97 -13.14 33.70
C HIS D 197 -22.30 -12.53 32.46
N GLU D 198 -23.12 -12.23 31.47
CA GLU D 198 -22.62 -11.71 30.20
C GLU D 198 -23.56 -10.71 29.52
N ALA D 199 -22.99 -9.93 28.60
CA ALA D 199 -23.74 -8.93 27.83
C ALA D 199 -23.05 -8.58 26.51
N THR D 200 -23.81 -8.61 25.42
CA THR D 200 -23.34 -8.22 24.08
C THR D 200 -23.21 -6.71 23.93
N LEU D 201 -22.04 -6.24 23.55
CA LEU D 201 -21.85 -4.82 23.26
C LEU D 201 -21.66 -4.61 21.74
N ARG D 202 -22.59 -3.89 21.09
CA ARG D 202 -22.56 -3.73 19.62
C ARG D 202 -22.40 -2.30 19.09
N CYS D 203 -21.37 -2.12 18.26
CA CYS D 203 -21.02 -0.82 17.72
C CYS D 203 -21.59 -0.62 16.31
N TRP D 204 -22.41 0.42 16.14
CA TRP D 204 -23.09 0.71 14.87
C TRP D 204 -22.55 1.92 14.12
N ALA D 205 -22.24 1.71 12.84
CA ALA D 205 -21.96 2.78 11.91
C ALA D 205 -23.05 2.69 10.85
N LEU D 206 -23.83 3.76 10.71
CA LEU D 206 -24.95 3.77 9.76
C LEU D 206 -24.90 4.97 8.81
N SER D 207 -25.49 4.77 7.63
CA SER D 207 -25.71 5.84 6.66
C SER D 207 -24.42 6.54 6.23
N PHE D 208 -23.35 5.78 6.02
CA PHE D 208 -22.07 6.37 5.60
C PHE D 208 -21.76 6.13 4.13
N TYR D 209 -20.94 7.02 3.58
CA TYR D 209 -20.47 6.94 2.20
C TYR D 209 -19.09 7.58 2.13
N PRO D 210 -18.11 6.90 1.50
CA PRO D 210 -18.12 5.63 0.77
C PRO D 210 -18.10 4.44 1.72
N ALA D 211 -17.98 3.24 1.16
CA ALA D 211 -18.04 2.02 1.94
C ALA D 211 -16.79 1.81 2.79
N GLU D 212 -15.64 2.24 2.31
CA GLU D 212 -14.43 2.05 3.08
C GLU D 212 -14.63 2.52 4.51
N ILE D 213 -14.48 1.62 5.48
CA ILE D 213 -14.60 1.99 6.89
C ILE D 213 -13.89 1.00 7.79
N THR D 214 -13.61 1.42 9.01
CA THR D 214 -13.00 0.53 9.98
C THR D 214 -13.60 0.62 11.38
N LEU D 215 -14.16 -0.49 11.84
CA LEU D 215 -14.69 -0.63 13.18
C LEU D 215 -13.83 -1.59 13.98
N THR D 216 -13.38 -1.18 15.17
CA THR D 216 -12.61 -2.08 16.04
C THR D 216 -12.95 -1.91 17.53
N TRP D 217 -12.96 -3.01 18.27
CA TRP D 217 -13.14 -2.96 19.72
C TRP D 217 -11.82 -3.09 20.46
N GLN D 218 -11.80 -2.55 21.68
CA GLN D 218 -10.63 -2.68 22.54
C GLN D 218 -11.01 -3.02 23.96
N ARG D 219 -10.14 -3.75 24.66
CA ARG D 219 -10.29 -3.93 26.09
C ARG D 219 -9.07 -3.39 26.83
N ASP D 220 -9.23 -2.20 27.40
CA ASP D 220 -8.17 -1.51 28.12
C ASP D 220 -7.19 -0.85 27.18
N GLY D 221 -7.67 -0.48 25.99
CA GLY D 221 -6.84 0.12 24.97
C GLY D 221 -6.20 -0.92 24.04
N GLU D 222 -6.42 -2.19 24.35
CA GLU D 222 -5.82 -3.28 23.58
C GLU D 222 -6.87 -3.94 22.69
N ASP D 223 -6.58 -4.01 21.40
CA ASP D 223 -7.52 -4.51 20.40
C ASP D 223 -8.00 -5.94 20.63
N GLN D 224 -9.25 -6.19 20.26
CA GLN D 224 -9.89 -7.47 20.50
C GLN D 224 -10.17 -8.26 19.22
N THR D 225 -9.46 -7.96 18.15
CA THR D 225 -9.71 -8.58 16.84
C THR D 225 -10.09 -10.05 16.91
N GLN D 226 -9.40 -10.77 17.79
CA GLN D 226 -9.63 -12.19 17.99
C GLN D 226 -11.03 -12.49 18.48
N ASP D 227 -11.60 -11.53 19.22
CA ASP D 227 -12.81 -11.74 19.99
C ASP D 227 -13.94 -10.84 19.53
N THR D 228 -13.80 -10.28 18.32
CA THR D 228 -14.78 -9.35 17.80
C THR D 228 -15.53 -9.93 16.61
N GLU D 229 -16.83 -9.69 16.59
CA GLU D 229 -17.63 -10.11 15.44
C GLU D 229 -17.91 -8.94 14.52
N LEU D 230 -17.39 -9.04 13.30
CA LEU D 230 -17.51 -8.00 12.31
C LEU D 230 -18.48 -8.51 11.26
N VAL D 231 -19.53 -7.76 10.94
CA VAL D 231 -20.32 -8.13 9.77
C VAL D 231 -19.69 -7.47 8.55
N GLU D 232 -20.00 -7.99 7.37
N GLU D 232 -20.00 -7.99 7.37
CA GLU D 232 -19.57 -7.35 6.15
CA GLU D 232 -19.58 -7.36 6.12
C GLU D 232 -20.27 -6.01 5.95
C GLU D 232 -20.28 -6.01 5.93
N THR D 233 -19.55 -5.04 5.40
CA THR D 233 -20.13 -3.74 5.07
C THR D 233 -21.27 -3.98 4.06
N ARG D 234 -22.45 -3.46 4.36
CA ARG D 234 -23.66 -3.81 3.63
C ARG D 234 -24.38 -2.59 3.09
N PRO D 235 -25.10 -2.76 1.98
CA PRO D 235 -25.80 -1.65 1.33
C PRO D 235 -27.07 -1.31 2.08
N ALA D 236 -27.27 -0.03 2.38
CA ALA D 236 -28.49 0.40 3.04
C ALA D 236 -29.63 0.42 2.04
N GLY D 237 -29.27 0.59 0.77
CA GLY D 237 -30.26 0.64 -0.30
C GLY D 237 -30.50 2.02 -0.86
N ASP D 238 -30.03 3.05 -0.17
CA ASP D 238 -30.21 4.44 -0.60
C ASP D 238 -28.90 5.08 -1.02
N GLY D 239 -27.89 4.26 -1.32
CA GLY D 239 -26.61 4.80 -1.72
C GLY D 239 -25.67 5.01 -0.55
N THR D 240 -26.11 4.68 0.67
CA THR D 240 -25.22 4.63 1.83
C THR D 240 -24.98 3.19 2.32
N PHE D 241 -24.08 3.07 3.29
CA PHE D 241 -23.70 1.76 3.84
C PHE D 241 -23.84 1.62 5.37
N GLN D 242 -23.76 0.38 5.85
CA GLN D 242 -23.87 0.09 7.27
C GLN D 242 -22.86 -0.96 7.68
N LYS D 243 -22.50 -1.00 8.96
CA LYS D 243 -21.57 -2.01 9.46
C LYS D 243 -21.59 -1.97 10.99
N TRP D 244 -21.53 -3.14 11.62
CA TRP D 244 -21.35 -3.20 13.07
C TRP D 244 -20.30 -4.23 13.55
N ALA D 245 -19.75 -3.98 14.73
CA ALA D 245 -18.81 -4.89 15.36
C ALA D 245 -19.28 -5.16 16.79
N ALA D 246 -19.39 -6.43 17.17
CA ALA D 246 -19.89 -6.77 18.50
C ALA D 246 -18.88 -7.57 19.32
N VAL D 247 -18.79 -7.27 20.63
CA VAL D 247 -18.01 -8.08 21.58
C VAL D 247 -18.89 -8.58 22.70
N VAL D 248 -18.52 -9.72 23.26
CA VAL D 248 -19.19 -10.18 24.47
C VAL D 248 -18.37 -9.82 25.71
N VAL D 249 -19.00 -9.12 26.64
CA VAL D 249 -18.34 -8.66 27.85
C VAL D 249 -18.94 -9.34 29.08
N PRO D 250 -18.09 -9.85 29.98
CA PRO D 250 -18.60 -10.41 31.24
C PRO D 250 -19.16 -9.26 32.05
N SER D 251 -20.44 -9.28 32.39
CA SER D 251 -21.05 -8.16 33.08
C SER D 251 -20.11 -7.58 34.15
N GLY D 252 -20.01 -6.24 34.16
CA GLY D 252 -19.13 -5.55 35.07
C GLY D 252 -18.02 -4.81 34.35
N GLN D 253 -17.61 -5.32 33.20
CA GLN D 253 -16.49 -4.73 32.50
C GLN D 253 -16.86 -3.83 31.32
N GLU D 254 -18.15 -3.49 31.19
CA GLU D 254 -18.58 -2.56 30.13
C GLU D 254 -17.67 -1.34 30.11
N GLN D 255 -17.20 -0.96 31.29
CA GLN D 255 -16.29 0.15 31.48
C GLN D 255 -14.95 -0.05 30.72
N ARG D 256 -14.50 -1.30 30.63
CA ARG D 256 -13.20 -1.61 30.02
C ARG D 256 -13.18 -1.54 28.49
N TYR D 257 -14.35 -1.57 27.85
CA TYR D 257 -14.43 -1.63 26.39
C TYR D 257 -14.70 -0.30 25.72
N THR D 258 -14.11 -0.15 24.54
CA THR D 258 -14.33 1.02 23.71
C THR D 258 -14.42 0.55 22.28
N CYS D 259 -15.22 1.25 21.48
CA CYS D 259 -15.28 1.03 20.04
C CYS D 259 -14.63 2.18 19.30
N HIS D 260 -14.09 1.90 18.11
CA HIS D 260 -13.36 2.90 17.33
C HIS D 260 -13.76 2.91 15.87
N VAL D 261 -14.09 4.09 15.37
CA VAL D 261 -14.56 4.22 14.01
C VAL D 261 -13.61 5.07 13.20
N GLN D 262 -13.17 4.56 12.06
CA GLN D 262 -12.37 5.35 11.14
C GLN D 262 -13.09 5.49 9.81
N HIS D 263 -13.28 6.72 9.34
CA HIS D 263 -13.90 6.93 8.05
C HIS D 263 -13.31 8.16 7.36
N GLU D 264 -13.54 8.25 6.05
CA GLU D 264 -13.18 9.40 5.23
C GLU D 264 -13.88 10.64 5.76
N GLY D 265 -15.17 10.49 6.06
CA GLY D 265 -16.02 11.59 6.45
C GLY D 265 -15.93 12.05 7.90
N LEU D 266 -15.08 11.42 8.71
CA LEU D 266 -14.82 11.89 10.07
C LEU D 266 -13.51 12.65 10.10
N PRO D 267 -13.53 13.87 10.67
CA PRO D 267 -12.29 14.64 10.80
C PRO D 267 -11.34 13.95 11.77
N LYS D 268 -11.89 13.46 12.88
CA LYS D 268 -11.14 12.66 13.85
C LYS D 268 -11.82 11.32 14.10
N PRO D 269 -11.03 10.26 14.30
CA PRO D 269 -11.55 8.94 14.67
C PRO D 269 -12.42 8.98 15.94
N LEU D 270 -13.64 8.49 15.83
CA LEU D 270 -14.54 8.43 16.98
C LEU D 270 -14.09 7.37 17.97
N THR D 271 -14.16 7.69 19.25
CA THR D 271 -13.92 6.71 20.28
C THR D 271 -15.13 6.53 21.17
N LEU D 272 -15.98 5.58 20.83
CA LEU D 272 -17.16 5.33 21.62
C LEU D 272 -16.76 4.53 22.85
N ARG D 273 -17.53 4.70 23.92
CA ARG D 273 -17.31 3.99 25.16
C ARG D 273 -18.66 3.85 25.84
N TRP D 274 -18.93 2.70 26.46
CA TRP D 274 -20.20 2.52 27.18
C TRP D 274 -20.11 3.14 28.58
N GLU D 275 -20.18 4.47 28.61
CA GLU D 275 -19.97 5.23 29.84
C GLU D 275 -21.08 6.27 30.00
N ILE E 2 -15.83 -24.02 -8.85
CA ILE E 2 -15.87 -23.50 -7.50
C ILE E 2 -17.31 -23.42 -6.99
N GLN E 3 -17.46 -23.25 -5.67
CA GLN E 3 -18.78 -23.16 -5.06
C GLN E 3 -18.70 -22.50 -3.69
N ARG E 4 -19.26 -21.29 -3.58
CA ARG E 4 -19.25 -20.56 -2.32
C ARG E 4 -20.64 -20.53 -1.70
N THR E 5 -20.70 -20.52 -0.37
CA THR E 5 -21.96 -20.49 0.34
C THR E 5 -22.35 -19.05 0.62
N PRO E 6 -23.63 -18.71 0.37
CA PRO E 6 -24.11 -17.33 0.50
C PRO E 6 -24.05 -16.85 1.93
N LYS E 7 -23.54 -15.65 2.13
CA LYS E 7 -23.64 -14.98 3.42
C LYS E 7 -24.95 -14.18 3.43
N ILE E 8 -25.64 -14.17 4.57
CA ILE E 8 -26.95 -13.54 4.64
C ILE E 8 -27.10 -12.58 5.81
N GLN E 9 -27.52 -11.36 5.48
CA GLN E 9 -27.84 -10.36 6.48
C GLN E 9 -29.27 -9.87 6.26
N VAL E 10 -30.07 -9.88 7.33
CA VAL E 10 -31.42 -9.32 7.27
C VAL E 10 -31.54 -8.13 8.21
N TYR E 11 -31.83 -6.96 7.64
CA TYR E 11 -31.79 -5.70 8.36
C TYR E 11 -32.68 -4.65 7.70
N SER E 12 -32.85 -3.53 8.36
CA SER E 12 -33.67 -2.45 7.82
C SER E 12 -32.79 -1.31 7.36
N ARG E 13 -33.29 -0.56 6.37
CA ARG E 13 -32.58 0.59 5.83
C ARG E 13 -32.41 1.70 6.86
N HIS E 14 -33.48 2.01 7.58
CA HIS E 14 -33.38 2.95 8.70
C HIS E 14 -33.62 2.18 9.99
N PRO E 15 -33.29 2.81 11.11
CA PRO E 15 -33.58 2.19 12.41
C PRO E 15 -35.08 1.85 12.54
N ALA E 16 -35.39 0.67 13.05
CA ALA E 16 -36.78 0.20 13.05
C ALA E 16 -37.63 0.93 14.07
N GLU E 17 -38.66 1.61 13.58
CA GLU E 17 -39.59 2.33 14.44
C GLU E 17 -40.99 1.85 14.15
N ASN E 18 -41.58 1.12 15.08
CA ASN E 18 -42.92 0.58 14.89
C ASN E 18 -43.87 1.64 14.36
N GLY E 19 -44.65 1.25 13.36
CA GLY E 19 -45.63 2.13 12.75
C GLY E 19 -45.07 3.04 11.66
N LYS E 20 -43.76 3.24 11.64
CA LYS E 20 -43.18 4.09 10.60
C LYS E 20 -42.63 3.25 9.47
N SER E 21 -42.88 3.70 8.23
CA SER E 21 -42.58 2.90 7.05
C SER E 21 -41.08 2.84 6.77
N ASN E 22 -40.66 1.74 6.15
CA ASN E 22 -39.25 1.43 6.02
C ASN E 22 -39.05 0.52 4.82
N PHE E 23 -37.81 0.07 4.65
CA PHE E 23 -37.45 -0.92 3.65
C PHE E 23 -36.75 -2.10 4.33
N LEU E 24 -37.18 -3.32 4.03
CA LEU E 24 -36.58 -4.53 4.59
C LEU E 24 -35.51 -5.06 3.65
N ASN E 25 -34.32 -5.30 4.20
CA ASN E 25 -33.19 -5.75 3.40
C ASN E 25 -32.79 -7.19 3.62
N CYS E 26 -32.40 -7.84 2.54
CA CYS E 26 -31.78 -9.15 2.60
C CYS E 26 -30.61 -9.11 1.67
N TYR E 27 -29.42 -8.96 2.26
CA TYR E 27 -28.20 -8.85 1.50
C TYR E 27 -27.49 -10.18 1.49
N VAL E 28 -27.49 -10.86 0.34
CA VAL E 28 -26.75 -12.10 0.17
C VAL E 28 -25.47 -11.83 -0.62
N SER E 29 -24.37 -12.38 -0.14
CA SER E 29 -23.07 -12.11 -0.75
C SER E 29 -22.13 -13.28 -0.58
N GLY E 30 -21.06 -13.31 -1.37
CA GLY E 30 -20.03 -14.32 -1.29
C GLY E 30 -20.38 -15.69 -1.84
N PHE E 31 -21.39 -15.77 -2.71
CA PHE E 31 -21.83 -17.06 -3.23
C PHE E 31 -21.32 -17.28 -4.66
N HIS E 32 -21.33 -18.53 -5.09
CA HIS E 32 -20.92 -18.91 -6.44
C HIS E 32 -21.39 -20.33 -6.70
N PRO E 33 -22.05 -20.59 -7.85
CA PRO E 33 -22.40 -19.71 -8.98
C PRO E 33 -23.47 -18.67 -8.63
N SER E 34 -24.03 -18.03 -9.66
CA SER E 34 -24.90 -16.86 -9.47
C SER E 34 -26.37 -17.22 -9.24
N ASP E 35 -26.78 -18.42 -9.61
CA ASP E 35 -28.15 -18.84 -9.38
C ASP E 35 -28.47 -18.86 -7.90
N ILE E 36 -29.33 -17.96 -7.46
CA ILE E 36 -29.74 -17.97 -6.08
C ILE E 36 -31.23 -17.61 -6.00
N GLU E 37 -31.88 -18.10 -4.95
CA GLU E 37 -33.31 -17.89 -4.77
C GLU E 37 -33.55 -17.25 -3.42
N VAL E 38 -33.92 -15.98 -3.43
CA VAL E 38 -34.13 -15.22 -2.20
C VAL E 38 -35.58 -14.78 -2.04
N ASP E 39 -36.17 -15.08 -0.90
CA ASP E 39 -37.48 -14.60 -0.55
C ASP E 39 -37.41 -13.79 0.72
N LEU E 40 -38.34 -12.85 0.89
CA LEU E 40 -38.53 -12.22 2.18
C LEU E 40 -39.88 -12.67 2.71
N LEU E 41 -39.96 -12.98 4.00
CA LEU E 41 -41.19 -13.49 4.59
C LEU E 41 -41.78 -12.51 5.58
N LYS E 42 -43.10 -12.48 5.68
CA LYS E 42 -43.78 -11.74 6.73
C LYS E 42 -44.64 -12.73 7.52
N ASN E 43 -44.14 -13.15 8.68
CA ASN E 43 -44.86 -14.12 9.48
C ASN E 43 -44.85 -15.45 8.77
N GLY E 44 -43.77 -15.72 8.07
CA GLY E 44 -43.59 -17.01 7.42
C GLY E 44 -44.39 -17.15 6.16
N GLU E 45 -44.53 -16.06 5.43
CA GLU E 45 -45.25 -16.09 4.16
C GLU E 45 -44.50 -15.21 3.18
N ARG E 46 -44.51 -15.60 1.91
CA ARG E 46 -43.71 -14.90 0.92
C ARG E 46 -44.27 -13.51 0.60
N ILE E 47 -43.37 -12.53 0.50
CA ILE E 47 -43.75 -11.17 0.08
C ILE E 47 -43.63 -11.08 -1.45
N GLU E 48 -44.64 -10.51 -2.10
CA GLU E 48 -44.64 -10.55 -3.57
C GLU E 48 -43.92 -9.38 -4.24
N LYS E 49 -44.09 -8.17 -3.69
CA LYS E 49 -43.48 -6.99 -4.31
C LYS E 49 -42.09 -6.70 -3.76
N VAL E 50 -41.22 -7.70 -3.88
CA VAL E 50 -39.81 -7.58 -3.48
C VAL E 50 -38.97 -7.35 -4.73
N GLU E 51 -37.99 -6.48 -4.63
CA GLU E 51 -37.06 -6.21 -5.72
C GLU E 51 -35.63 -6.54 -5.32
N HIS E 52 -34.73 -6.50 -6.29
CA HIS E 52 -33.34 -6.77 -6.00
C HIS E 52 -32.40 -5.98 -6.90
N SER E 53 -31.23 -5.66 -6.36
CA SER E 53 -30.22 -4.93 -7.10
C SER E 53 -29.75 -5.75 -8.30
N ASP E 54 -28.90 -5.17 -9.12
CA ASP E 54 -28.32 -5.86 -10.28
C ASP E 54 -27.09 -6.63 -9.85
N LEU E 55 -26.95 -7.84 -10.39
CA LEU E 55 -25.88 -8.75 -10.01
C LEU E 55 -24.50 -8.16 -10.23
N SER E 56 -23.75 -8.06 -9.14
CA SER E 56 -22.36 -7.61 -9.17
C SER E 56 -21.53 -8.63 -8.37
N PHE E 57 -20.24 -8.40 -8.21
CA PHE E 57 -19.44 -9.38 -7.51
C PHE E 57 -18.22 -8.73 -6.89
N SER E 58 -17.61 -9.44 -5.94
CA SER E 58 -16.53 -8.89 -5.14
C SER E 58 -15.13 -9.11 -5.73
N LYS E 59 -14.11 -8.99 -4.90
CA LYS E 59 -12.74 -9.18 -5.34
C LYS E 59 -12.38 -10.65 -5.59
N ASP E 60 -13.00 -11.57 -4.86
CA ASP E 60 -12.79 -13.01 -5.09
C ASP E 60 -13.73 -13.62 -6.13
N TRP E 61 -14.45 -12.77 -6.86
CA TRP E 61 -15.42 -13.15 -7.90
C TRP E 61 -16.77 -13.66 -7.40
N SER E 62 -16.95 -13.79 -6.08
CA SER E 62 -18.24 -14.27 -5.57
C SER E 62 -19.28 -13.19 -5.73
N PHE E 63 -20.54 -13.59 -5.86
CA PHE E 63 -21.60 -12.65 -6.16
C PHE E 63 -22.30 -12.08 -4.94
N TYR E 64 -22.87 -10.90 -5.08
CA TYR E 64 -23.68 -10.31 -4.02
C TYR E 64 -24.92 -9.59 -4.58
N LEU E 65 -26.00 -9.58 -3.80
CA LEU E 65 -27.28 -9.03 -4.23
C LEU E 65 -28.03 -8.45 -3.06
N LEU E 66 -28.73 -7.36 -3.27
CA LEU E 66 -29.63 -6.86 -2.23
C LEU E 66 -31.06 -7.14 -2.64
N TYR E 67 -31.83 -7.73 -1.74
CA TYR E 67 -33.26 -7.83 -1.95
C TYR E 67 -33.87 -6.87 -0.96
N TYR E 68 -34.90 -6.16 -1.38
CA TYR E 68 -35.48 -5.13 -0.54
C TYR E 68 -36.95 -5.02 -0.82
N THR E 69 -37.71 -4.54 0.17
CA THR E 69 -39.13 -4.28 -0.04
C THR E 69 -39.60 -3.26 0.95
N GLU E 70 -40.48 -2.39 0.49
CA GLU E 70 -41.08 -1.39 1.35
C GLU E 70 -41.85 -2.16 2.40
N PHE E 71 -41.79 -1.68 3.63
CA PHE E 71 -42.56 -2.31 4.70
C PHE E 71 -42.62 -1.42 5.93
N THR E 72 -43.52 -1.76 6.85
CA THR E 72 -43.70 -1.00 8.09
C THR E 72 -43.70 -1.93 9.30
N PRO E 73 -42.75 -1.69 10.22
CA PRO E 73 -42.59 -2.51 11.42
C PRO E 73 -43.76 -2.38 12.38
N THR E 74 -44.14 -3.49 12.97
CA THR E 74 -45.11 -3.51 14.06
C THR E 74 -44.53 -4.35 15.19
N GLU E 75 -45.16 -4.30 16.37
CA GLU E 75 -44.72 -5.14 17.48
C GLU E 75 -44.84 -6.63 17.12
N LYS E 76 -45.97 -7.00 16.53
CA LYS E 76 -46.29 -8.39 16.19
C LYS E 76 -45.42 -9.03 15.11
N ASP E 77 -45.53 -8.51 13.89
CA ASP E 77 -45.04 -9.19 12.69
C ASP E 77 -43.58 -9.63 12.73
N GLU E 78 -43.37 -10.92 12.50
CA GLU E 78 -42.02 -11.44 12.38
C GLU E 78 -41.66 -11.56 10.92
N TYR E 79 -40.60 -10.84 10.55
CA TYR E 79 -40.10 -10.89 9.18
C TYR E 79 -38.80 -11.69 9.11
N ALA E 80 -38.57 -12.37 7.99
CA ALA E 80 -37.38 -13.21 7.82
C ALA E 80 -37.01 -13.37 6.35
N CYS E 81 -35.87 -14.02 6.11
CA CYS E 81 -35.32 -14.17 4.78
C CYS E 81 -35.17 -15.65 4.47
N ARG E 82 -35.47 -16.07 3.25
CA ARG E 82 -35.22 -17.46 2.87
C ARG E 82 -34.39 -17.58 1.62
N VAL E 83 -33.27 -18.27 1.75
CA VAL E 83 -32.28 -18.36 0.70
C VAL E 83 -31.98 -19.79 0.32
N ASN E 84 -32.13 -20.11 -0.96
CA ASN E 84 -31.66 -21.38 -1.45
C ASN E 84 -30.57 -21.23 -2.48
N HIS E 85 -29.54 -22.05 -2.30
CA HIS E 85 -28.39 -22.06 -3.19
C HIS E 85 -27.89 -23.51 -3.24
N VAL E 86 -27.04 -23.80 -4.22
CA VAL E 86 -26.57 -25.17 -4.40
C VAL E 86 -25.73 -25.64 -3.22
N THR E 87 -24.86 -24.75 -2.71
CA THR E 87 -24.01 -25.08 -1.58
C THR E 87 -24.82 -25.28 -0.31
N LEU E 88 -26.12 -24.95 -0.38
CA LEU E 88 -27.00 -25.10 0.77
C LEU E 88 -27.80 -26.39 0.69
N SER E 89 -27.58 -27.29 1.65
CA SER E 89 -28.28 -28.57 1.68
C SER E 89 -29.79 -28.36 1.67
N GLN E 90 -30.24 -27.25 2.25
CA GLN E 90 -31.66 -26.94 2.31
C GLN E 90 -31.89 -25.45 2.51
N PRO E 91 -33.00 -24.95 1.99
CA PRO E 91 -33.35 -23.54 2.10
C PRO E 91 -33.01 -22.98 3.49
N LYS E 92 -32.23 -21.90 3.53
CA LYS E 92 -31.85 -21.28 4.80
C LYS E 92 -32.76 -20.11 5.15
N ILE E 93 -33.11 -20.01 6.43
CA ILE E 93 -33.98 -18.93 6.90
C ILE E 93 -33.29 -18.11 7.99
N VAL E 94 -33.28 -16.80 7.80
CA VAL E 94 -32.66 -15.90 8.77
C VAL E 94 -33.69 -14.86 9.22
N LYS E 95 -34.06 -14.92 10.50
CA LYS E 95 -35.03 -13.99 11.06
C LYS E 95 -34.49 -12.57 11.05
N TRP E 96 -35.39 -11.59 11.15
CA TRP E 96 -35.01 -10.19 11.16
C TRP E 96 -35.05 -9.61 12.56
N ASP E 97 -33.87 -9.32 13.12
CA ASP E 97 -33.78 -8.77 14.47
C ASP E 97 -33.63 -7.25 14.43
N ARG E 98 -34.76 -6.56 14.33
CA ARG E 98 -34.76 -5.10 14.28
C ARG E 98 -33.81 -4.52 15.31
N ASP E 99 -33.97 -4.93 16.57
CA ASP E 99 -33.11 -4.44 17.64
C ASP E 99 -31.85 -5.29 17.78
N ASN F 1 -18.36 5.18 -19.60
CA ASN F 1 -18.30 4.98 -21.04
C ASN F 1 -17.58 3.68 -21.40
N LEU F 2 -18.33 2.70 -21.92
CA LEU F 2 -17.80 1.39 -22.26
C LEU F 2 -16.57 1.38 -23.15
N VAL F 3 -15.98 0.20 -23.29
CA VAL F 3 -14.83 -0.01 -24.18
C VAL F 3 -15.32 -0.36 -25.57
N MET F 5 -14.60 -2.99 -28.92
CA MET F 5 -13.94 -4.15 -29.52
C MET F 5 -14.93 -5.27 -29.91
N VAL F 6 -15.17 -6.29 -29.06
CA VAL F 6 -14.46 -6.60 -27.82
C VAL F 6 -13.87 -7.99 -27.96
N ALA F 7 -12.53 -8.10 -28.00
CA ALA F 7 -11.88 -9.37 -28.35
C ALA F 7 -12.42 -10.59 -27.59
N THR F 8 -12.53 -11.73 -28.27
CA THR F 8 -13.01 -12.97 -27.64
C THR F 8 -11.84 -13.83 -27.19
N VAL F 9 -12.12 -14.77 -26.28
CA VAL F 9 -11.08 -15.61 -25.67
C VAL F 9 -10.55 -16.65 -26.64
#